data_8UFG
#
_entry.id   8UFG
#
_cell.length_a   1.00
_cell.length_b   1.00
_cell.length_c   1.00
_cell.angle_alpha   90.00
_cell.angle_beta   90.00
_cell.angle_gamma   90.00
#
_symmetry.space_group_name_H-M   'P 1'
#
loop_
_entity.id
_entity.type
_entity.pdbx_description
1 polymer 'Lipopolysaccharide export system ATP-binding protein LptB'
2 polymer 'Lipopolysaccharide export system permease protein LptF'
3 polymer 'LPS export ABC transporter permease LptG'
4 non-polymer DODECYL-BETA-D-MALTOSIDE
5 non-polymer '(2~{R},4~{R},5~{R},6~{R})-2-[(2~{R},4~{R},5~{R},6~{R})-5-[(2~{S},4~{R},5~{R},6~{R})-4-[(2~{R},3~{R},4~{R},5~{S},6~{S})-3-acetamido-6-carboxy-4,5-bis(oxidanyl)oxan-2-yl]oxy-6-[(1~{R})-1,2-bis(oxidanyl)ethyl]-2-carboxy-5-oxidanyl-oxan-2-yl]oxy-6-[(1~{R})-1,2-bis(oxidanyl)ethyl]-2-carboxy-2-[[(2~{R},3~{S},4~{R},5~{R},6~{R})-4-[(3~{S})-3-dodecanoyloxydodecanoyl]oxy-6-[[(2~{R},3~{S},4~{R},5~{R},6~{R})-5-[[(3~{R})-3-heptanoyloxyundecanoyl]amino]-3-oxidanyl-4-[(3~{R})-3-oxidanyloctanoyl]oxy-6-phosphonooxy-oxan-2-yl]methoxy]-5-[[(3~{S})-3-[(3~{R})-3-oxidanyldecanoyl]oxydecanoyl]amino]-3-phosphonooxy-oxan-2-yl]methoxy]oxan-4-yl]oxy-6-[(1~{R})-1,2-bis(oxidanyl)ethyl]-4,5-bis(oxidanyl)oxane-2-carboxylic acid'
#
loop_
_entity_poly.entity_id
_entity_poly.type
_entity_poly.pdbx_seq_one_letter_code
_entity_poly.pdbx_strand_id
1 'polypeptide(L)'
;MHHHHHHHMEQIAQQQPQTLCIKHLAKNYSKRWVVKDVSFEMQSGQIVGLLGPNGAGKTTSFYMVVGLVRMDKGEIHLDN
LDLSDLAMHERARKGIGYLPQEASIFRKLTIAENIMAILETRKDLNKQQRQQRLQELLNDFKITHIKDSLGMSVSGGERR
RAEIARALAADPKFMLLDEPFAGVDPISVGDIKDIIRNLKDRGIGVLITDHNVRETLAICEHAYIVSEGAVIAEGSPQDI
LENEQVRKVYLGDDFTV
;
A,B
2 'polypeptide(L)'
;MIIRRYLVKQVVSTSLVVIALLTLIMMGGRLIKYFGVAAQGRLDAGVLFSIIGYRMPEFLTLILPLGFFIGLMLVFGRLY
VDHEMAVLNGSGISRIRLGQLLIPLALVFLVIQGILMLWMTPWGLRQFDQLSSSQAVRTGFDLVRPKEFISSGPYTIYAG
DLSEDRKNLKDIFFYQRAQKEGKPDVMILAKEATRVVMENETANVVDLIQGRRYEIYPGKAKYSQAEFQRYRLRLENDKS
ATFETDKVEALPSSKLWNKWNDPVIASEMGWRVFGPFTIVIALMMAVALCEVSPRQGRYYRLIPAIFIFASLIVLLIAIR
TRISRDELGVWAYPAALAVYGIAAALFSRKQKLAPKIKKQIKRVRA
;
F
3 'polypeptide(L)'
;MLARRIVAKHVTKTTALAMLGTTIVLVILQVLFTYLGELSNLKADYSAWQAFLYVLWGAPRYLYEILPISALIGAILGLG
TLASNSELIVMRSVGISLWRIVGWVIRSALVLVLLSFALSEWVVPYTNERANSVKSHQSVAALGEVRGYWSREGQRFIYV
DYANSQGQLKRIQVVDFDDNYRLKSVTNAEQGQFVKDGQWLLNHSQQMAIQGQGDAVLANAAKQPFSLALQPKYVHMVTI
DPEDLSFSQLVSFMNYMREYSQVPKTYQLAFWKKVASPFALITLVLVACSFIFGPLRQQSMGFRLVIALFIGLGFYYLQD
FLGYASLVYNPSPAWFVLGPIVLMFVAGSYLLYRAR
;
G
#
# COMPACT_ATOMS: atom_id res chain seq x y z
N GLN A 18 -10.64 48.09 3.18
CA GLN A 18 -10.58 47.03 2.18
C GLN A 18 -11.77 46.10 2.30
N THR A 19 -12.30 45.65 1.16
CA THR A 19 -13.46 44.77 1.12
C THR A 19 -13.17 43.59 0.20
N LEU A 20 -13.70 42.43 0.58
CA LEU A 20 -13.58 41.20 -0.21
C LEU A 20 -14.96 40.86 -0.74
N CYS A 21 -15.24 41.26 -1.98
CA CYS A 21 -16.55 41.09 -2.58
C CYS A 21 -16.58 39.79 -3.38
N ILE A 22 -17.48 38.89 -3.01
CA ILE A 22 -17.67 37.62 -3.69
C ILE A 22 -19.10 37.57 -4.19
N LYS A 23 -19.29 37.24 -5.47
CA LYS A 23 -20.62 37.22 -6.04
C LYS A 23 -20.78 36.06 -7.02
N HIS A 24 -21.96 35.45 -7.00
CA HIS A 24 -22.38 34.45 -7.99
C HIS A 24 -21.43 33.26 -8.04
N LEU A 25 -21.11 32.71 -6.87
CA LEU A 25 -20.33 31.49 -6.82
C LEU A 25 -21.16 30.32 -7.33
N ALA A 26 -20.48 29.37 -7.99
CA ALA A 26 -21.15 28.18 -8.49
C ALA A 26 -20.13 27.06 -8.62
N LYS A 27 -20.58 25.84 -8.34
CA LYS A 27 -19.71 24.67 -8.45
C LYS A 27 -20.60 23.44 -8.48
N ASN A 28 -20.24 22.48 -9.33
CA ASN A 28 -20.96 21.22 -9.44
C ASN A 28 -20.02 20.04 -9.20
N TYR A 29 -20.59 18.98 -8.62
CA TYR A 29 -19.86 17.74 -8.35
C TYR A 29 -20.60 16.62 -9.06
N SER A 30 -20.04 16.13 -10.15
CA SER A 30 -20.66 15.11 -10.98
C SER A 30 -22.04 15.57 -11.46
N LYS A 31 -22.06 16.76 -12.07
CA LYS A 31 -23.29 17.37 -12.59
C LYS A 31 -24.35 17.52 -11.50
N ARG A 32 -23.90 17.85 -10.29
CA ARG A 32 -24.77 18.12 -9.16
C ARG A 32 -24.29 19.44 -8.54
N TRP A 33 -25.05 20.50 -8.74
CA TRP A 33 -24.63 21.85 -8.34
C TRP A 33 -24.67 21.97 -6.83
N VAL A 34 -23.53 21.77 -6.19
CA VAL A 34 -23.45 21.91 -4.74
C VAL A 34 -23.62 23.36 -4.33
N VAL A 35 -23.12 24.29 -5.13
CA VAL A 35 -23.21 25.72 -4.86
C VAL A 35 -23.88 26.39 -6.05
N LYS A 36 -24.90 27.20 -5.78
CA LYS A 36 -25.65 27.91 -6.82
C LYS A 36 -25.85 29.36 -6.38
N ASP A 37 -25.07 30.26 -6.97
CA ASP A 37 -25.23 31.71 -6.77
C ASP A 37 -25.08 32.09 -5.30
N VAL A 38 -23.88 31.85 -4.77
CA VAL A 38 -23.51 32.33 -3.44
C VAL A 38 -22.80 33.66 -3.59
N SER A 39 -23.37 34.70 -2.98
CA SER A 39 -22.80 36.05 -3.05
C SER A 39 -22.77 36.64 -1.64
N PHE A 40 -21.59 37.08 -1.22
CA PHE A 40 -21.46 37.72 0.08
C PHE A 40 -20.26 38.66 0.05
N GLU A 41 -20.30 39.66 0.92
CA GLU A 41 -19.27 40.68 1.00
C GLU A 41 -18.70 40.74 2.41
N MET A 42 -17.38 40.88 2.50
CA MET A 42 -16.70 41.00 3.78
C MET A 42 -15.67 42.11 3.69
N GLN A 43 -15.55 42.90 4.77
CA GLN A 43 -14.63 44.01 4.83
C GLN A 43 -13.52 43.73 5.84
N SER A 44 -12.43 44.47 5.71
CA SER A 44 -11.31 44.31 6.63
C SER A 44 -11.70 44.75 8.03
N GLY A 45 -11.40 43.95 9.04
CA GLY A 45 -11.92 44.32 10.38
C GLY A 45 -13.36 43.92 10.53
N GLN A 46 -13.72 42.71 10.13
CA GLN A 46 -15.10 42.22 10.30
C GLN A 46 -15.03 40.72 10.46
N ILE A 47 -15.84 40.14 11.35
CA ILE A 47 -15.87 38.68 11.58
C ILE A 47 -17.14 38.20 10.94
N VAL A 48 -17.12 37.80 9.68
CA VAL A 48 -18.28 37.36 8.90
C VAL A 48 -18.35 35.84 8.96
N GLY A 49 -19.52 35.32 9.30
CA GLY A 49 -19.72 33.90 9.42
C GLY A 49 -20.46 33.33 8.22
N LEU A 50 -19.81 32.38 7.55
CA LEU A 50 -20.41 31.68 6.41
C LEU A 50 -20.99 30.37 6.94
N LEU A 51 -22.25 30.41 7.35
CA LEU A 51 -22.92 29.30 7.99
C LEU A 51 -23.96 28.68 7.06
N GLY A 52 -24.65 27.67 7.58
CA GLY A 52 -25.67 26.99 6.82
C GLY A 52 -25.75 25.52 7.18
N PRO A 53 -26.77 24.82 6.69
CA PRO A 53 -26.86 23.39 6.95
C PRO A 53 -25.69 22.63 6.35
N ASN A 54 -25.34 21.52 6.98
CA ASN A 54 -24.19 20.74 6.55
C ASN A 54 -24.40 20.20 5.14
N GLY A 55 -23.38 20.35 4.29
CA GLY A 55 -23.47 19.88 2.93
C GLY A 55 -24.31 20.72 2.00
N ALA A 56 -24.72 21.90 2.43
CA ALA A 56 -25.56 22.78 1.63
C ALA A 56 -24.76 23.76 0.78
N GLY A 57 -23.44 23.68 0.81
CA GLY A 57 -22.60 24.54 0.00
C GLY A 57 -21.80 25.58 0.75
N LYS A 58 -21.99 25.70 2.08
CA LYS A 58 -21.20 26.66 2.84
C LYS A 58 -19.72 26.28 2.84
N THR A 59 -19.43 24.98 3.04
CA THR A 59 -18.04 24.54 3.03
C THR A 59 -17.42 24.68 1.64
N THR A 60 -18.15 24.28 0.60
CA THR A 60 -17.63 24.42 -0.76
C THR A 60 -17.43 25.89 -1.12
N SER A 61 -18.38 26.75 -0.75
CA SER A 61 -18.24 28.17 -1.01
C SER A 61 -17.01 28.74 -0.30
N PHE A 62 -16.81 28.35 0.96
CA PHE A 62 -15.62 28.79 1.70
C PHE A 62 -14.36 28.31 1.02
N TYR A 63 -14.36 27.07 0.51
CA TYR A 63 -13.17 26.54 -0.12
C TYR A 63 -12.85 27.24 -1.43
N MET A 64 -13.87 27.58 -2.23
CA MET A 64 -13.60 28.35 -3.44
C MET A 64 -13.15 29.76 -3.11
N VAL A 65 -13.65 30.33 -2.01
CA VAL A 65 -13.14 31.63 -1.57
C VAL A 65 -11.67 31.52 -1.18
N VAL A 66 -11.30 30.46 -0.46
CA VAL A 66 -9.91 30.24 -0.11
C VAL A 66 -9.08 30.00 -1.37
N GLY A 67 -9.56 29.15 -2.27
CA GLY A 67 -8.84 28.85 -3.49
C GLY A 67 -8.51 27.37 -3.62
N LEU A 68 -9.02 26.55 -2.70
CA LEU A 68 -8.79 25.11 -2.74
C LEU A 68 -9.72 24.39 -3.69
N VAL A 69 -10.81 25.03 -4.12
CA VAL A 69 -11.76 24.45 -5.07
C VAL A 69 -11.94 25.47 -6.19
N ARG A 70 -11.57 25.11 -7.41
CA ARG A 70 -11.70 26.02 -8.52
C ARG A 70 -13.17 26.26 -8.84
N MET A 71 -13.51 27.53 -9.07
CA MET A 71 -14.89 27.92 -9.31
C MET A 71 -15.32 27.52 -10.71
N ASP A 72 -16.58 27.11 -10.84
CA ASP A 72 -17.17 26.96 -12.16
C ASP A 72 -17.71 28.28 -12.69
N LYS A 73 -18.54 28.96 -11.91
CA LYS A 73 -18.96 30.32 -12.21
C LYS A 73 -18.80 31.14 -10.93
N GLY A 74 -18.17 32.30 -11.05
CA GLY A 74 -17.96 33.13 -9.87
C GLY A 74 -17.08 34.33 -10.09
N GLU A 75 -17.16 35.29 -9.18
CA GLU A 75 -16.36 36.51 -9.22
C GLU A 75 -15.92 36.84 -7.81
N ILE A 76 -14.62 36.93 -7.60
CA ILE A 76 -14.04 37.26 -6.31
C ILE A 76 -13.16 38.49 -6.47
N HIS A 77 -13.42 39.52 -5.67
CA HIS A 77 -12.69 40.78 -5.77
C HIS A 77 -12.15 41.16 -4.40
N LEU A 78 -11.04 41.89 -4.41
CA LEU A 78 -10.43 42.42 -3.19
C LEU A 78 -10.02 43.87 -3.49
N ASP A 79 -10.91 44.81 -3.17
CA ASP A 79 -10.68 46.23 -3.44
C ASP A 79 -10.44 46.46 -4.93
N ASN A 80 -11.50 46.20 -5.70
CA ASN A 80 -11.53 46.33 -7.17
C ASN A 80 -10.34 45.66 -7.84
N LEU A 81 -9.84 44.59 -7.23
CA LEU A 81 -8.77 43.77 -7.79
C LEU A 81 -9.29 42.34 -7.90
N ASP A 82 -9.43 41.86 -9.13
CA ASP A 82 -10.01 40.54 -9.36
C ASP A 82 -9.08 39.44 -8.87
N LEU A 83 -9.63 38.47 -8.16
CA LEU A 83 -8.89 37.29 -7.71
C LEU A 83 -9.49 35.99 -8.21
N SER A 84 -10.48 36.06 -9.10
CA SER A 84 -11.12 34.84 -9.58
C SER A 84 -10.15 33.96 -10.35
N ASP A 85 -9.34 34.56 -11.22
CA ASP A 85 -8.38 33.79 -12.01
C ASP A 85 -7.12 33.44 -11.23
N LEU A 86 -6.85 34.12 -10.12
CA LEU A 86 -5.64 33.88 -9.36
C LEU A 86 -5.71 32.55 -8.62
N ALA A 87 -4.54 31.95 -8.41
CA ALA A 87 -4.43 30.72 -7.65
C ALA A 87 -4.46 31.03 -6.16
N MET A 88 -4.38 29.97 -5.34
CA MET A 88 -4.46 30.15 -3.89
C MET A 88 -3.29 30.96 -3.37
N HIS A 89 -2.08 30.67 -3.87
CA HIS A 89 -0.90 31.39 -3.39
C HIS A 89 -0.91 32.84 -3.85
N GLU A 90 -1.40 33.10 -5.06
CA GLU A 90 -1.51 34.48 -5.53
C GLU A 90 -2.53 35.25 -4.70
N ARG A 91 -3.66 34.62 -4.37
CA ARG A 91 -4.63 35.26 -3.48
C ARG A 91 -4.02 35.55 -2.13
N ALA A 92 -3.24 34.60 -1.61
CA ALA A 92 -2.56 34.82 -0.32
C ALA A 92 -1.60 35.99 -0.40
N ARG A 93 -0.86 36.10 -1.51
CA ARG A 93 0.02 37.25 -1.70
C ARG A 93 -0.77 38.55 -1.79
N LYS A 94 -2.01 38.49 -2.28
CA LYS A 94 -2.87 39.66 -2.34
C LYS A 94 -3.41 40.06 -0.97
N GLY A 95 -3.24 39.23 0.05
CA GLY A 95 -3.65 39.60 1.39
C GLY A 95 -4.75 38.74 2.00
N ILE A 96 -4.80 37.46 1.66
CA ILE A 96 -5.79 36.53 2.18
C ILE A 96 -5.07 35.40 2.90
N GLY A 97 -5.47 35.14 4.14
CA GLY A 97 -4.89 34.07 4.94
C GLY A 97 -5.85 32.91 5.06
N TYR A 98 -5.30 31.71 5.25
CA TYR A 98 -6.09 30.49 5.40
C TYR A 98 -5.61 29.73 6.62
N LEU A 99 -6.54 29.32 7.48
CA LEU A 99 -6.23 28.50 8.64
C LEU A 99 -6.99 27.18 8.55
N PRO A 100 -6.32 26.08 8.17
CA PRO A 100 -7.02 24.80 8.06
C PRO A 100 -7.54 24.32 9.40
N GLN A 101 -8.67 23.62 9.36
CA GLN A 101 -9.25 23.07 10.58
C GLN A 101 -8.33 22.03 11.22
N GLU A 102 -7.73 21.16 10.41
CA GLU A 102 -6.85 20.13 10.94
C GLU A 102 -5.52 20.74 11.38
N ALA A 103 -4.64 19.89 11.90
CA ALA A 103 -3.34 20.33 12.39
C ALA A 103 -2.46 20.68 11.19
N SER A 104 -2.30 21.98 10.96
CA SER A 104 -1.52 22.50 9.83
C SER A 104 -0.13 22.95 10.24
N ILE A 105 0.25 22.68 11.50
CA ILE A 105 1.59 23.13 11.98
C ILE A 105 2.65 22.26 11.30
N PHE A 106 3.84 22.83 11.05
CA PHE A 106 4.95 22.02 10.48
C PHE A 106 5.43 21.07 11.57
N ARG A 107 5.33 19.77 11.33
CA ARG A 107 5.65 18.81 12.40
C ARG A 107 7.11 18.95 12.85
N LYS A 108 8.07 18.92 11.93
CA LYS A 108 9.51 18.89 12.33
C LYS A 108 10.10 20.29 12.57
N LEU A 109 9.28 21.35 12.55
CA LEU A 109 9.82 22.69 12.86
C LEU A 109 9.30 23.17 14.21
N THR A 110 10.17 23.85 14.97
CA THR A 110 9.74 24.41 16.27
C THR A 110 8.77 25.58 16.04
N ILE A 111 8.11 25.99 17.11
CA ILE A 111 7.11 27.05 17.00
C ILE A 111 7.75 28.34 16.51
N ALA A 112 8.91 28.69 17.09
CA ALA A 112 9.63 29.85 16.61
C ALA A 112 10.04 29.68 15.15
N GLU A 113 10.52 28.48 14.80
CA GLU A 113 10.83 28.20 13.39
C GLU A 113 9.57 28.17 12.55
N ASN A 114 8.45 27.71 13.10
CA ASN A 114 7.19 27.72 12.37
C ASN A 114 6.81 29.13 11.95
N ILE A 115 6.91 30.08 12.89
CA ILE A 115 6.59 31.47 12.56
C ILE A 115 7.65 32.07 11.65
N MET A 116 8.93 31.77 11.91
CA MET A 116 10.01 32.41 11.15
C MET A 116 10.05 31.94 9.71
N ALA A 117 9.61 30.70 9.43
CA ALA A 117 9.60 30.21 8.06
C ALA A 117 8.70 31.05 7.17
N ILE A 118 7.53 31.44 7.70
CA ILE A 118 6.65 32.33 6.95
C ILE A 118 7.13 33.77 7.04
N LEU A 119 7.76 34.16 8.15
CA LEU A 119 8.28 35.51 8.27
C LEU A 119 9.41 35.76 7.27
N GLU A 120 10.26 34.78 7.03
CA GLU A 120 11.37 34.96 6.11
C GLU A 120 10.91 35.20 4.67
N THR A 121 9.65 34.89 4.36
CA THR A 121 9.14 35.13 3.01
C THR A 121 8.65 36.57 2.84
N ARG A 122 8.55 37.34 3.93
CA ARG A 122 8.15 38.73 3.82
C ARG A 122 9.22 39.53 3.12
N LYS A 123 8.86 40.15 1.99
CA LYS A 123 9.79 40.95 1.21
C LYS A 123 10.00 42.34 1.78
N ASP A 124 9.12 42.80 2.64
CA ASP A 124 9.23 44.12 3.26
C ASP A 124 9.78 44.06 4.69
N LEU A 125 10.23 42.90 5.14
CA LEU A 125 10.87 42.75 6.44
C LEU A 125 12.30 42.27 6.27
N ASN A 126 13.23 42.95 6.93
CA ASN A 126 14.61 42.50 7.00
C ASN A 126 14.81 41.68 8.27
N LYS A 127 15.94 40.96 8.32
CA LYS A 127 16.18 40.02 9.43
C LYS A 127 16.17 40.74 10.78
N GLN A 128 16.72 41.95 10.83
CA GLN A 128 16.79 42.68 12.10
C GLN A 128 15.40 42.93 12.67
N GLN A 129 14.45 43.33 11.82
CA GLN A 129 13.08 43.49 12.26
C GLN A 129 12.26 42.22 12.12
N ARG A 130 12.72 41.25 11.33
CA ARG A 130 12.06 39.94 11.31
C ARG A 130 12.16 39.27 12.68
N GLN A 131 13.33 39.38 13.33
CA GLN A 131 13.48 38.82 14.66
C GLN A 131 12.54 39.48 15.65
N GLN A 132 12.42 40.81 15.57
CA GLN A 132 11.52 41.54 16.46
C GLN A 132 10.07 41.14 16.21
N ARG A 133 9.68 40.99 14.95
CA ARG A 133 8.32 40.56 14.62
C ARG A 133 8.04 39.17 15.16
N LEU A 134 9.01 38.26 15.02
CA LEU A 134 8.84 36.91 15.56
C LEU A 134 8.71 36.94 17.07
N GLN A 135 9.54 37.74 17.74
CA GLN A 135 9.48 37.82 19.20
C GLN A 135 8.14 38.38 19.67
N GLU A 136 7.65 39.43 19.01
CA GLU A 136 6.39 40.01 19.44
C GLU A 136 5.20 39.12 19.08
N LEU A 137 5.30 38.34 18.00
CA LEU A 137 4.27 37.37 17.69
C LEU A 137 4.24 36.25 18.73
N LEU A 138 5.42 35.79 19.16
CA LEU A 138 5.47 34.78 20.20
C LEU A 138 4.93 35.30 21.51
N ASN A 139 5.25 36.55 21.86
CA ASN A 139 4.76 37.14 23.11
C ASN A 139 3.27 37.43 23.05
N ASP A 140 2.74 37.75 21.87
CA ASP A 140 1.32 38.10 21.74
C ASP A 140 0.43 36.92 22.09
N PHE A 141 0.80 35.72 21.63
CA PHE A 141 -0.04 34.54 21.79
C PHE A 141 0.43 33.63 22.94
N LYS A 142 1.36 34.11 23.76
CA LYS A 142 1.83 33.38 24.93
C LYS A 142 2.38 32.01 24.54
N ILE A 143 3.09 31.95 23.42
CA ILE A 143 3.73 30.72 22.96
C ILE A 143 5.26 30.83 23.06
N THR A 144 5.77 31.79 23.83
CA THR A 144 7.20 31.96 23.96
C THR A 144 7.84 30.81 24.73
N HIS A 145 7.11 30.23 25.68
CA HIS A 145 7.66 29.13 26.47
C HIS A 145 7.85 27.86 25.64
N ILE A 146 7.20 27.76 24.48
CA ILE A 146 7.34 26.61 23.61
C ILE A 146 7.99 27.00 22.28
N LYS A 147 8.73 28.11 22.26
CA LYS A 147 9.35 28.56 21.02
C LYS A 147 10.40 27.58 20.53
N ASP A 148 11.00 26.80 21.43
CA ASP A 148 12.03 25.83 21.07
C ASP A 148 11.50 24.41 21.02
N SER A 149 10.19 24.22 21.12
CA SER A 149 9.57 22.90 21.10
C SER A 149 8.99 22.61 19.73
N LEU A 150 9.09 21.36 19.30
CA LEU A 150 8.61 20.96 17.98
C LEU A 150 7.10 21.13 17.87
N GLY A 151 6.61 21.23 16.63
CA GLY A 151 5.20 21.43 16.41
C GLY A 151 4.33 20.24 16.75
N MET A 152 4.92 19.04 16.81
CA MET A 152 4.16 17.85 17.16
C MET A 152 4.10 17.61 18.66
N SER A 153 4.87 18.35 19.46
CA SER A 153 4.97 18.12 20.88
C SER A 153 4.36 19.27 21.67
N VAL A 154 3.23 19.79 21.19
CA VAL A 154 2.50 20.85 21.86
C VAL A 154 1.04 20.47 21.94
N SER A 155 0.34 21.06 22.91
CA SER A 155 -1.07 20.76 23.10
C SER A 155 -1.90 21.36 21.97
N GLY A 156 -3.18 20.97 21.93
CA GLY A 156 -4.05 21.43 20.86
C GLY A 156 -4.21 22.94 20.85
N GLY A 157 -4.45 23.54 22.02
CA GLY A 157 -4.60 24.98 22.10
C GLY A 157 -3.31 25.71 21.76
N GLU A 158 -2.18 25.23 22.29
CA GLU A 158 -0.90 25.83 21.97
C GLU A 158 -0.58 25.69 20.49
N ARG A 159 -0.88 24.53 19.91
CA ARG A 159 -0.65 24.33 18.48
C ARG A 159 -1.51 25.27 17.65
N ARG A 160 -2.77 25.45 18.03
CA ARG A 160 -3.64 26.35 17.28
C ARG A 160 -3.18 27.80 17.40
N ARG A 161 -2.72 28.20 18.60
CA ARG A 161 -2.17 29.54 18.75
C ARG A 161 -0.93 29.73 17.90
N ALA A 162 -0.07 28.72 17.85
CA ALA A 162 1.11 28.79 16.99
C ALA A 162 0.74 28.89 15.53
N GLU A 163 -0.27 28.13 15.10
CA GLU A 163 -0.72 28.20 13.71
C GLU A 163 -1.26 29.58 13.38
N ILE A 164 -2.02 30.18 14.30
CA ILE A 164 -2.59 31.50 14.05
C ILE A 164 -1.49 32.55 14.01
N ALA A 165 -0.48 32.43 14.90
CA ALA A 165 0.65 33.35 14.85
C ALA A 165 1.42 33.21 13.54
N ARG A 166 1.62 31.97 13.08
CA ARG A 166 2.29 31.75 11.81
C ARG A 166 1.51 32.35 10.65
N ALA A 167 0.18 32.21 10.68
CA ALA A 167 -0.64 32.81 9.64
C ALA A 167 -0.57 34.33 9.68
N LEU A 168 -0.56 34.92 10.87
CA LEU A 168 -0.41 36.37 11.00
C LEU A 168 0.96 36.84 10.55
N ALA A 169 1.97 35.97 10.63
CA ALA A 169 3.31 36.35 10.18
C ALA A 169 3.32 36.71 8.70
N ALA A 170 2.40 36.14 7.92
CA ALA A 170 2.29 36.48 6.51
C ALA A 170 1.66 37.84 6.27
N ASP A 171 1.15 38.49 7.33
CA ASP A 171 0.49 39.78 7.28
C ASP A 171 -0.68 39.70 6.30
N PRO A 172 -1.76 39.00 6.65
CA PRO A 172 -2.93 38.95 5.78
C PRO A 172 -3.93 40.04 6.10
N LYS A 173 -4.67 40.43 5.06
CA LYS A 173 -5.76 41.38 5.23
C LYS A 173 -7.09 40.71 5.50
N PHE A 174 -7.23 39.43 5.18
CA PHE A 174 -8.45 38.67 5.43
C PHE A 174 -8.06 37.26 5.82
N MET A 175 -8.29 36.90 7.08
CA MET A 175 -7.99 35.56 7.57
C MET A 175 -9.23 34.69 7.45
N LEU A 176 -9.14 33.64 6.67
CA LEU A 176 -10.26 32.72 6.44
C LEU A 176 -10.10 31.51 7.34
N LEU A 177 -10.93 31.42 8.37
CA LEU A 177 -10.85 30.35 9.35
C LEU A 177 -11.81 29.24 8.98
N ASP A 178 -11.32 28.00 8.97
CA ASP A 178 -12.11 26.82 8.68
C ASP A 178 -12.33 26.06 9.98
N GLU A 179 -13.59 26.00 10.41
CA GLU A 179 -13.98 25.30 11.62
C GLU A 179 -13.10 25.64 12.83
N PRO A 180 -13.04 26.92 13.23
CA PRO A 180 -12.20 27.26 14.39
C PRO A 180 -12.69 26.61 15.68
N PHE A 181 -13.99 26.47 15.87
CA PHE A 181 -14.55 25.81 17.05
C PHE A 181 -14.84 24.34 16.78
N ALA A 182 -13.84 23.60 16.31
CA ALA A 182 -14.01 22.19 15.96
C ALA A 182 -13.24 21.34 16.97
N GLY A 183 -13.97 20.44 17.64
CA GLY A 183 -13.34 19.56 18.61
C GLY A 183 -12.68 20.30 19.75
N VAL A 184 -13.32 21.35 20.26
CA VAL A 184 -12.75 22.18 21.31
C VAL A 184 -13.74 22.23 22.48
N ASP A 185 -13.20 22.18 23.69
CA ASP A 185 -14.03 22.20 24.88
C ASP A 185 -14.73 23.54 25.02
N PRO A 186 -15.88 23.58 25.71
CA PRO A 186 -16.54 24.87 25.95
C PRO A 186 -15.69 25.86 26.72
N ILE A 187 -14.74 25.37 27.54
CA ILE A 187 -13.88 26.29 28.28
C ILE A 187 -12.93 27.03 27.33
N SER A 188 -12.44 26.35 26.29
CA SER A 188 -11.51 26.95 25.34
C SER A 188 -12.22 27.61 24.17
N VAL A 189 -13.54 27.46 24.07
CA VAL A 189 -14.30 28.23 23.07
C VAL A 189 -14.15 29.72 23.35
N GLY A 190 -14.13 30.10 24.63
CA GLY A 190 -13.89 31.49 24.98
C GLY A 190 -12.51 31.96 24.55
N ASP A 191 -11.50 31.11 24.70
CA ASP A 191 -10.16 31.47 24.27
C ASP A 191 -10.09 31.64 22.75
N ILE A 192 -10.75 30.76 22.00
CA ILE A 192 -10.78 30.90 20.55
C ILE A 192 -11.52 32.16 20.15
N LYS A 193 -12.61 32.48 20.84
CA LYS A 193 -13.34 33.72 20.58
C LYS A 193 -12.47 34.93 20.85
N ASP A 194 -11.70 34.90 21.94
CA ASP A 194 -10.78 35.99 22.24
C ASP A 194 -9.73 36.13 21.16
N ILE A 195 -9.21 35.02 20.66
CA ILE A 195 -8.21 35.07 19.58
C ILE A 195 -8.81 35.69 18.33
N ILE A 196 -9.99 35.21 17.87
CA ILE A 196 -10.65 35.66 16.61
C ILE A 196 -11.20 37.05 16.74
N ARG A 197 -11.18 37.64 17.93
CA ARG A 197 -11.60 39.05 18.11
C ARG A 197 -10.33 39.87 18.08
N ASN A 198 -9.18 39.24 18.32
CA ASN A 198 -7.90 39.95 18.14
C ASN A 198 -7.69 40.06 16.64
N LEU A 199 -7.96 39.01 15.91
CA LEU A 199 -7.71 39.04 14.45
C LEU A 199 -8.56 40.19 13.89
N LYS A 200 -9.64 40.58 14.53
CA LYS A 200 -10.39 41.73 13.97
C LYS A 200 -9.95 43.04 14.64
N ASP A 201 -9.12 42.98 15.67
CA ASP A 201 -8.58 44.21 16.30
C ASP A 201 -7.34 44.62 15.53
N ARG A 202 -6.83 43.73 14.69
CA ARG A 202 -5.61 44.03 13.92
C ARG A 202 -6.05 44.35 12.49
N GLY A 203 -7.35 44.44 12.25
CA GLY A 203 -7.85 44.82 10.93
C GLY A 203 -8.12 43.60 10.08
N ILE A 204 -7.66 42.43 10.48
CA ILE A 204 -7.78 41.23 9.62
C ILE A 204 -9.21 40.77 9.50
N GLY A 205 -9.93 41.13 8.45
CA GLY A 205 -11.24 40.52 8.31
C GLY A 205 -11.18 39.02 8.50
N VAL A 206 -12.14 38.45 9.23
CA VAL A 206 -12.13 37.00 9.54
C VAL A 206 -13.41 36.35 9.05
N LEU A 207 -13.36 35.42 8.10
CA LEU A 207 -14.46 34.66 7.55
C LEU A 207 -14.48 33.28 8.20
N ILE A 208 -15.57 32.94 8.85
CA ILE A 208 -15.68 31.73 9.66
C ILE A 208 -16.76 30.84 9.08
N THR A 209 -16.41 29.59 8.79
CA THR A 209 -17.38 28.55 8.49
C THR A 209 -17.24 27.48 9.55
N ASP A 210 -18.37 27.03 10.11
CA ASP A 210 -18.32 26.10 11.22
C ASP A 210 -19.66 25.40 11.36
N HIS A 211 -19.61 24.14 11.81
CA HIS A 211 -20.83 23.43 12.15
C HIS A 211 -21.43 23.94 13.45
N ASN A 212 -20.58 24.31 14.40
CA ASN A 212 -21.02 24.87 15.68
C ASN A 212 -21.47 26.31 15.44
N VAL A 213 -22.75 26.46 15.11
CA VAL A 213 -23.27 27.76 14.72
C VAL A 213 -23.57 28.63 15.93
N ARG A 214 -23.98 28.03 17.04
CA ARG A 214 -24.46 28.83 18.17
C ARG A 214 -23.34 29.67 18.78
N GLU A 215 -22.13 29.09 18.92
CA GLU A 215 -21.01 29.87 19.42
C GLU A 215 -20.31 30.64 18.31
N THR A 216 -20.53 30.27 17.05
CA THR A 216 -20.01 31.08 15.95
C THR A 216 -20.73 32.42 15.85
N LEU A 217 -22.05 32.41 16.00
CA LEU A 217 -22.86 33.62 15.91
C LEU A 217 -22.59 34.60 17.05
N ALA A 218 -21.88 34.18 18.10
CA ALA A 218 -21.61 35.06 19.22
C ALA A 218 -20.51 36.08 18.93
N ILE A 219 -19.74 35.90 17.85
CA ILE A 219 -18.65 36.81 17.54
C ILE A 219 -18.84 37.44 16.17
N CYS A 220 -19.62 36.80 15.31
CA CYS A 220 -19.82 37.30 13.97
C CYS A 220 -20.55 38.64 13.98
N GLU A 221 -20.17 39.53 13.09
CA GLU A 221 -20.82 40.83 13.01
C GLU A 221 -21.81 40.75 11.88
N HIS A 222 -21.62 39.85 10.94
CA HIS A 222 -22.47 39.76 9.76
C HIS A 222 -22.45 38.32 9.28
N ALA A 223 -23.60 37.65 9.35
CA ALA A 223 -23.66 36.22 9.11
C ALA A 223 -24.36 35.92 7.80
N TYR A 224 -23.92 34.85 7.14
CA TYR A 224 -24.50 34.40 5.88
C TYR A 224 -24.89 32.94 6.01
N ILE A 225 -26.13 32.62 5.61
CA ILE A 225 -26.64 31.27 5.67
C ILE A 225 -26.80 30.75 4.25
N VAL A 226 -26.16 29.62 3.96
CA VAL A 226 -26.18 29.02 2.63
C VAL A 226 -26.95 27.71 2.72
N SER A 227 -28.05 27.62 1.98
CA SER A 227 -28.89 26.44 1.96
C SER A 227 -29.02 25.95 0.53
N GLU A 228 -28.79 24.64 0.33
CA GLU A 228 -28.87 23.97 -0.97
C GLU A 228 -28.14 24.76 -2.07
N GLY A 229 -27.02 25.36 -1.68
CA GLY A 229 -26.14 26.03 -2.60
C GLY A 229 -26.39 27.51 -2.80
N ALA A 230 -27.44 28.06 -2.20
CA ALA A 230 -27.77 29.46 -2.35
C ALA A 230 -27.85 30.13 -0.98
N VAL A 231 -27.44 31.40 -0.95
CA VAL A 231 -27.51 32.18 0.28
C VAL A 231 -28.96 32.56 0.56
N ILE A 232 -29.44 32.23 1.75
CA ILE A 232 -30.83 32.47 2.13
C ILE A 232 -30.97 33.51 3.22
N ALA A 233 -29.86 34.02 3.76
CA ALA A 233 -29.93 34.99 4.84
C ALA A 233 -28.70 35.88 4.81
N GLU A 234 -28.85 37.04 5.43
CA GLU A 234 -27.78 38.04 5.45
C GLU A 234 -28.11 39.08 6.52
N GLY A 235 -27.14 39.37 7.37
CA GLY A 235 -27.31 40.37 8.40
C GLY A 235 -26.61 39.96 9.67
N SER A 236 -26.90 40.69 10.74
CA SER A 236 -26.33 40.41 12.04
C SER A 236 -26.87 39.08 12.58
N PRO A 237 -26.18 38.48 13.55
CA PRO A 237 -26.69 37.22 14.12
C PRO A 237 -28.10 37.34 14.67
N GLN A 238 -28.50 38.51 15.18
CA GLN A 238 -29.88 38.68 15.62
C GLN A 238 -30.84 38.55 14.44
N ASP A 239 -30.49 39.13 13.29
CA ASP A 239 -31.32 38.99 12.10
C ASP A 239 -31.43 37.53 11.66
N ILE A 240 -30.33 36.77 11.75
CA ILE A 240 -30.37 35.35 11.43
C ILE A 240 -31.28 34.62 12.39
N LEU A 241 -31.19 34.94 13.69
CA LEU A 241 -31.97 34.25 14.70
C LEU A 241 -33.45 34.61 14.66
N GLU A 242 -33.81 35.76 14.10
CA GLU A 242 -35.21 36.11 13.93
C GLU A 242 -35.74 35.78 12.54
N ASN A 243 -34.92 35.17 11.69
CA ASN A 243 -35.35 34.78 10.36
C ASN A 243 -36.39 33.66 10.45
N GLU A 244 -37.31 33.63 9.48
CA GLU A 244 -38.33 32.60 9.43
C GLU A 244 -38.00 31.46 8.49
N GLN A 245 -36.92 31.57 7.70
CA GLN A 245 -36.47 30.49 6.85
C GLN A 245 -35.24 29.77 7.39
N VAL A 246 -34.32 30.50 8.03
CA VAL A 246 -33.14 29.90 8.64
C VAL A 246 -33.58 28.94 9.73
N ARG A 247 -34.51 29.36 10.57
CA ARG A 247 -35.06 28.46 11.57
C ARG A 247 -36.00 27.43 10.98
N LYS A 248 -36.34 27.54 9.70
CA LYS A 248 -37.17 26.54 9.04
C LYS A 248 -36.36 25.44 8.40
N VAL A 249 -35.13 25.73 7.97
CA VAL A 249 -34.32 24.72 7.27
C VAL A 249 -33.07 24.41 8.08
N TYR A 250 -32.56 25.37 8.84
CA TYR A 250 -31.26 25.22 9.50
C TYR A 250 -31.35 25.22 11.02
N LEU A 251 -31.92 26.26 11.63
CA LEU A 251 -31.81 26.43 13.07
C LEU A 251 -32.91 25.73 13.86
N GLY A 252 -34.00 25.35 13.21
CA GLY A 252 -35.09 24.68 13.90
C GLY A 252 -36.01 25.66 14.59
N ASP A 253 -37.15 25.14 15.05
CA ASP A 253 -38.15 25.97 15.71
C ASP A 253 -37.61 26.55 17.01
N ASP A 254 -36.91 25.75 17.80
CA ASP A 254 -36.32 26.18 19.06
C ASP A 254 -34.80 26.21 18.94
N PHE A 255 -34.21 27.35 19.29
CA PHE A 255 -32.76 27.49 19.23
C PHE A 255 -32.35 28.60 20.20
N THR A 256 -31.53 28.26 21.18
CA THR A 256 -31.08 29.22 22.17
C THR A 256 -29.77 29.88 21.73
N GLN B 18 -30.98 -4.97 34.07
CA GLN B 18 -29.70 -5.39 33.52
C GLN B 18 -28.73 -4.22 33.46
N THR B 19 -27.50 -4.45 33.91
CA THR B 19 -26.53 -3.38 34.07
C THR B 19 -25.23 -3.72 33.34
N LEU B 20 -24.55 -2.68 32.88
CA LEU B 20 -23.24 -2.79 32.24
C LEU B 20 -22.23 -2.09 33.15
N CYS B 21 -21.51 -2.88 33.94
CA CYS B 21 -20.59 -2.34 34.93
C CYS B 21 -19.19 -2.26 34.35
N ILE B 22 -18.61 -1.06 34.37
CA ILE B 22 -17.24 -0.83 33.94
C ILE B 22 -16.50 -0.20 35.11
N LYS B 23 -15.34 -0.76 35.45
CA LYS B 23 -14.56 -0.23 36.56
C LYS B 23 -13.08 -0.35 36.29
N HIS B 24 -12.32 0.68 36.68
CA HIS B 24 -10.87 0.68 36.69
C HIS B 24 -10.28 0.46 35.30
N LEU B 25 -10.82 1.16 34.31
CA LEU B 25 -10.22 1.13 32.98
C LEU B 25 -8.87 1.84 32.99
N ALA B 26 -7.96 1.33 32.16
CA ALA B 26 -6.63 1.92 32.06
C ALA B 26 -6.06 1.58 30.69
N LYS B 27 -5.34 2.54 30.10
CA LYS B 27 -4.75 2.37 28.79
C LYS B 27 -3.65 3.41 28.62
N ASN B 28 -2.55 2.99 28.00
CA ASN B 28 -1.43 3.89 27.75
C ASN B 28 -1.02 3.86 26.29
N TYR B 29 -0.43 4.96 25.84
CA TYR B 29 0.03 5.12 24.46
C TYR B 29 1.45 5.65 24.51
N SER B 30 2.41 4.79 24.17
CA SER B 30 3.84 5.12 24.27
C SER B 30 4.21 5.56 25.68
N LYS B 31 3.79 4.75 26.66
CA LYS B 31 4.04 5.01 28.07
C LYS B 31 3.47 6.36 28.51
N ARG B 32 2.30 6.70 27.96
CA ARG B 32 1.55 7.89 28.35
C ARG B 32 0.13 7.44 28.66
N TRP B 33 -0.23 7.43 29.95
CA TRP B 33 -1.50 6.86 30.39
C TRP B 33 -2.63 7.81 29.99
N VAL B 34 -3.24 7.53 28.83
CA VAL B 34 -4.37 8.34 28.37
C VAL B 34 -5.58 8.15 29.29
N VAL B 35 -5.77 6.94 29.80
CA VAL B 35 -6.89 6.60 30.66
C VAL B 35 -6.35 6.04 31.96
N LYS B 36 -6.81 6.59 33.09
CA LYS B 36 -6.35 6.18 34.42
C LYS B 36 -7.56 6.01 35.33
N ASP B 37 -7.98 4.77 35.55
CA ASP B 37 -9.04 4.43 36.50
C ASP B 37 -10.36 5.13 36.14
N VAL B 38 -10.89 4.77 34.98
CA VAL B 38 -12.22 5.19 34.56
C VAL B 38 -13.22 4.11 34.98
N SER B 39 -14.21 4.49 35.78
CA SER B 39 -15.21 3.55 36.26
C SER B 39 -16.58 4.21 36.14
N PHE B 40 -17.50 3.52 35.47
CA PHE B 40 -18.87 4.01 35.35
C PHE B 40 -19.80 2.82 35.14
N GLU B 41 -21.06 3.01 35.54
CA GLU B 41 -22.07 1.97 35.44
C GLU B 41 -23.25 2.47 34.63
N MET B 42 -23.80 1.59 33.80
CA MET B 42 -24.95 1.91 32.97
C MET B 42 -25.92 0.74 32.96
N GLN B 43 -27.20 1.05 33.04
CA GLN B 43 -28.25 0.04 33.06
C GLN B 43 -29.04 0.07 31.76
N SER B 44 -29.71 -1.04 31.48
CA SER B 44 -30.55 -1.13 30.29
C SER B 44 -31.71 -0.15 30.38
N GLY B 45 -31.95 0.68 29.41
CA GLY B 45 -33.03 1.67 29.57
C GLY B 45 -32.54 3.04 29.94
N GLN B 46 -31.23 3.26 30.01
CA GLN B 46 -30.68 4.55 30.45
C GLN B 46 -29.90 5.16 29.31
N ILE B 47 -29.87 6.48 29.20
CA ILE B 47 -29.07 7.20 28.19
C ILE B 47 -27.96 7.87 28.98
N VAL B 48 -26.79 7.26 29.12
CA VAL B 48 -25.65 7.71 29.91
C VAL B 48 -24.67 8.40 28.97
N GLY B 49 -24.20 9.58 29.38
CA GLY B 49 -23.26 10.34 28.59
C GLY B 49 -21.85 10.24 29.16
N LEU B 50 -20.92 9.75 28.32
CA LEU B 50 -19.51 9.67 28.68
C LEU B 50 -18.82 10.87 28.04
N LEU B 51 -18.79 11.98 28.78
CA LEU B 51 -18.29 13.25 28.28
C LEU B 51 -16.96 13.58 28.94
N GLY B 52 -16.43 14.75 28.58
CA GLY B 52 -15.16 15.22 29.09
C GLY B 52 -14.42 16.06 28.07
N PRO B 53 -13.34 16.70 28.49
CA PRO B 53 -12.54 17.49 27.55
C PRO B 53 -11.94 16.60 26.46
N ASN B 54 -11.75 17.18 25.28
CA ASN B 54 -11.24 16.44 24.15
C ASN B 54 -9.85 15.89 24.44
N GLY B 55 -9.65 14.60 24.12
CA GLY B 55 -8.37 13.97 24.33
C GLY B 55 -8.03 13.63 25.76
N ALA B 56 -9.00 13.74 26.67
CA ALA B 56 -8.77 13.47 28.08
C ALA B 56 -9.05 12.02 28.47
N GLY B 57 -9.41 11.17 27.51
CA GLY B 57 -9.66 9.77 27.78
C GLY B 57 -11.10 9.32 27.67
N LYS B 58 -12.04 10.23 27.42
CA LYS B 58 -13.42 9.81 27.23
C LYS B 58 -13.57 8.96 25.98
N THR B 59 -12.91 9.36 24.89
CA THR B 59 -12.99 8.58 23.66
C THR B 59 -12.31 7.23 23.80
N THR B 60 -11.13 7.21 24.44
CA THR B 60 -10.42 5.94 24.64
C THR B 60 -11.21 5.02 25.55
N SER B 61 -11.82 5.56 26.62
CA SER B 61 -12.64 4.75 27.49
C SER B 61 -13.86 4.20 26.75
N PHE B 62 -14.51 5.04 25.95
CA PHE B 62 -15.64 4.58 25.16
C PHE B 62 -15.22 3.47 24.20
N TYR B 63 -14.05 3.62 23.58
CA TYR B 63 -13.58 2.60 22.65
C TYR B 63 -13.25 1.29 23.37
N MET B 64 -12.65 1.37 24.55
CA MET B 64 -12.39 0.15 25.32
C MET B 64 -13.69 -0.53 25.72
N VAL B 65 -14.72 0.26 26.04
CA VAL B 65 -16.03 -0.33 26.33
C VAL B 65 -16.59 -1.00 25.08
N VAL B 66 -16.45 -0.35 23.93
CA VAL B 66 -16.85 -0.97 22.66
C VAL B 66 -16.02 -2.22 22.39
N GLY B 67 -14.70 -2.12 22.56
CA GLY B 67 -13.81 -3.23 22.31
C GLY B 67 -12.87 -2.98 21.15
N LEU B 68 -12.91 -1.77 20.59
CA LEU B 68 -12.02 -1.41 19.49
C LEU B 68 -10.56 -1.38 19.90
N VAL B 69 -10.26 -0.84 21.08
CA VAL B 69 -8.90 -0.84 21.62
C VAL B 69 -8.90 -1.65 22.91
N ARG B 70 -7.98 -2.60 23.01
CA ARG B 70 -7.93 -3.48 24.17
C ARG B 70 -7.43 -2.74 25.39
N MET B 71 -8.03 -3.03 26.54
CA MET B 71 -7.70 -2.34 27.78
C MET B 71 -6.47 -2.96 28.44
N ASP B 72 -5.57 -2.10 28.90
CA ASP B 72 -4.42 -2.59 29.65
C ASP B 72 -4.82 -3.08 31.03
N LYS B 73 -5.60 -2.30 31.77
CA LYS B 73 -6.17 -2.73 33.03
C LYS B 73 -7.63 -2.29 33.04
N GLY B 74 -8.52 -3.22 33.41
CA GLY B 74 -9.92 -2.89 33.46
C GLY B 74 -10.84 -4.06 33.72
N GLU B 75 -12.09 -3.77 34.05
CA GLU B 75 -13.10 -4.78 34.31
C GLU B 75 -14.43 -4.30 33.76
N ILE B 76 -14.99 -5.07 32.82
CA ILE B 76 -16.29 -4.77 32.24
C ILE B 76 -17.22 -5.95 32.51
N HIS B 77 -18.38 -5.66 33.10
CA HIS B 77 -19.35 -6.69 33.43
C HIS B 77 -20.69 -6.35 32.81
N LEU B 78 -21.43 -7.37 32.42
CA LEU B 78 -22.77 -7.22 31.84
C LEU B 78 -23.65 -8.26 32.51
N ASP B 79 -24.33 -7.86 33.58
CA ASP B 79 -25.17 -8.76 34.37
C ASP B 79 -24.35 -9.94 34.90
N ASN B 80 -23.38 -9.58 35.77
CA ASN B 80 -22.44 -10.51 36.39
C ASN B 80 -21.78 -11.46 35.39
N LEU B 81 -21.60 -10.97 34.15
CA LEU B 81 -20.90 -11.70 33.11
C LEU B 81 -19.72 -10.86 32.66
N ASP B 82 -18.51 -11.40 32.81
CA ASP B 82 -17.30 -10.63 32.49
C ASP B 82 -17.11 -10.53 30.99
N LEU B 83 -16.84 -9.31 30.51
CA LEU B 83 -16.56 -9.07 29.10
C LEU B 83 -15.16 -8.49 28.89
N SER B 84 -14.31 -8.50 29.91
CA SER B 84 -12.97 -7.93 29.76
C SER B 84 -12.13 -8.71 28.76
N ASP B 85 -12.19 -10.04 28.83
CA ASP B 85 -11.36 -10.87 27.96
C ASP B 85 -11.99 -11.07 26.59
N LEU B 86 -13.26 -10.76 26.42
CA LEU B 86 -13.93 -10.97 25.14
C LEU B 86 -13.50 -9.93 24.12
N ALA B 87 -13.60 -10.30 22.85
CA ALA B 87 -13.28 -9.40 21.76
C ALA B 87 -14.49 -8.54 21.41
N MET B 88 -14.34 -7.69 20.40
CA MET B 88 -15.43 -6.79 20.01
C MET B 88 -16.64 -7.57 19.52
N HIS B 89 -16.42 -8.58 18.67
CA HIS B 89 -17.54 -9.36 18.16
C HIS B 89 -18.18 -10.20 19.25
N GLU B 90 -17.38 -10.74 20.17
CA GLU B 90 -17.93 -11.50 21.28
C GLU B 90 -18.77 -10.62 22.19
N ARG B 91 -18.29 -9.41 22.49
CA ARG B 91 -19.08 -8.46 23.27
C ARG B 91 -20.37 -8.10 22.55
N ALA B 92 -20.30 -7.90 21.23
CA ALA B 92 -21.49 -7.60 20.45
C ALA B 92 -22.50 -8.74 20.51
N ARG B 93 -22.01 -9.98 20.42
CA ARG B 93 -22.89 -11.13 20.58
C ARG B 93 -23.47 -11.21 21.99
N LYS B 94 -22.74 -10.70 22.98
CA LYS B 94 -23.26 -10.67 24.34
C LYS B 94 -24.34 -9.61 24.55
N GLY B 95 -24.54 -8.71 23.59
CA GLY B 95 -25.61 -7.74 23.71
C GLY B 95 -25.17 -6.29 23.77
N ILE B 96 -24.06 -5.96 23.12
CA ILE B 96 -23.55 -4.60 23.07
C ILE B 96 -23.54 -4.14 21.62
N GLY B 97 -24.14 -2.98 21.37
CA GLY B 97 -24.19 -2.40 20.05
C GLY B 97 -23.27 -1.19 19.94
N TYR B 98 -22.78 -0.95 18.73
CA TYR B 98 -21.88 0.16 18.47
C TYR B 98 -22.32 0.86 17.18
N LEU B 99 -22.43 2.18 17.23
CA LEU B 99 -22.80 2.98 16.06
C LEU B 99 -21.65 3.90 15.71
N PRO B 100 -20.86 3.58 14.69
CA PRO B 100 -19.70 4.41 14.35
C PRO B 100 -20.13 5.80 13.91
N GLN B 101 -19.29 6.79 14.25
CA GLN B 101 -19.57 8.17 13.86
C GLN B 101 -19.52 8.34 12.36
N GLU B 102 -18.56 7.68 11.69
CA GLU B 102 -18.42 7.79 10.25
C GLU B 102 -19.57 7.07 9.55
N ALA B 103 -19.61 7.21 8.22
CA ALA B 103 -20.63 6.55 7.40
C ALA B 103 -20.29 5.06 7.35
N SER B 104 -20.96 4.29 8.20
CA SER B 104 -20.69 2.86 8.36
C SER B 104 -21.66 1.98 7.59
N ILE B 105 -22.51 2.57 6.75
CA ILE B 105 -23.44 1.77 5.97
C ILE B 105 -22.69 0.98 4.90
N PHE B 106 -23.21 -0.18 4.56
CA PHE B 106 -22.65 -0.96 3.45
C PHE B 106 -22.96 -0.25 2.15
N ARG B 107 -21.92 0.18 1.44
CA ARG B 107 -22.10 1.07 0.30
C ARG B 107 -22.91 0.40 -0.81
N LYS B 108 -22.63 -0.87 -1.08
CA LYS B 108 -23.19 -1.57 -2.23
C LYS B 108 -24.38 -2.45 -1.86
N LEU B 109 -24.89 -2.34 -0.64
CA LEU B 109 -26.07 -3.08 -0.21
C LEU B 109 -27.20 -2.09 0.06
N THR B 110 -28.40 -2.44 -0.40
CA THR B 110 -29.55 -1.57 -0.19
C THR B 110 -29.93 -1.53 1.29
N ILE B 111 -30.76 -0.53 1.63
CA ILE B 111 -31.12 -0.33 3.02
C ILE B 111 -31.85 -1.55 3.57
N ALA B 112 -32.81 -2.08 2.80
CA ALA B 112 -33.46 -3.32 3.21
C ALA B 112 -32.45 -4.46 3.29
N GLU B 113 -31.55 -4.54 2.32
CA GLU B 113 -30.48 -5.53 2.39
C GLU B 113 -29.54 -5.24 3.55
N ASN B 114 -29.30 -3.97 3.87
CA ASN B 114 -28.45 -3.63 5.01
C ASN B 114 -29.03 -4.16 6.30
N ILE B 115 -30.33 -3.98 6.52
CA ILE B 115 -30.96 -4.49 7.74
C ILE B 115 -31.04 -6.01 7.71
N MET B 116 -31.41 -6.59 6.56
CA MET B 116 -31.57 -8.04 6.46
C MET B 116 -30.24 -8.76 6.64
N ALA B 117 -29.13 -8.12 6.27
CA ALA B 117 -27.82 -8.73 6.42
C ALA B 117 -27.51 -9.03 7.88
N ILE B 118 -27.89 -8.12 8.77
CA ILE B 118 -27.66 -8.34 10.20
C ILE B 118 -28.80 -9.14 10.81
N LEU B 119 -30.00 -9.05 10.24
CA LEU B 119 -31.10 -9.88 10.73
C LEU B 119 -30.83 -11.35 10.50
N GLU B 120 -30.16 -11.71 9.39
CA GLU B 120 -29.83 -13.09 9.13
C GLU B 120 -28.84 -13.66 10.14
N THR B 121 -28.07 -12.81 10.81
CA THR B 121 -27.14 -13.29 11.83
C THR B 121 -27.85 -13.69 13.12
N ARG B 122 -29.12 -13.33 13.28
CA ARG B 122 -29.87 -13.71 14.46
C ARG B 122 -30.15 -15.21 14.44
N LYS B 123 -29.85 -15.87 15.56
CA LYS B 123 -30.05 -17.31 15.68
C LYS B 123 -31.44 -17.68 16.18
N ASP B 124 -32.18 -16.73 16.75
CA ASP B 124 -33.51 -16.99 17.28
C ASP B 124 -34.63 -16.60 16.32
N LEU B 125 -34.29 -16.13 15.13
CA LEU B 125 -35.28 -15.67 14.16
C LEU B 125 -35.20 -16.54 12.91
N ASN B 126 -36.36 -17.00 12.45
CA ASN B 126 -36.45 -17.68 11.16
C ASN B 126 -36.86 -16.70 10.08
N LYS B 127 -36.71 -17.12 8.82
CA LYS B 127 -36.91 -16.21 7.70
C LYS B 127 -38.33 -15.66 7.68
N GLN B 128 -39.32 -16.48 8.07
CA GLN B 128 -40.70 -16.05 8.04
C GLN B 128 -40.93 -14.84 8.95
N GLN B 129 -40.34 -14.87 10.15
CA GLN B 129 -40.42 -13.72 11.03
C GLN B 129 -39.26 -12.75 10.85
N ARG B 130 -38.18 -13.17 10.19
CA ARG B 130 -37.12 -12.24 9.83
C ARG B 130 -37.64 -11.20 8.85
N GLN B 131 -38.47 -11.62 7.88
CA GLN B 131 -39.07 -10.68 6.96
C GLN B 131 -39.96 -9.68 7.68
N GLN B 132 -40.76 -10.15 8.65
CA GLN B 132 -41.61 -9.26 9.41
C GLN B 132 -40.79 -8.28 10.24
N ARG B 133 -39.71 -8.76 10.85
CA ARG B 133 -38.84 -7.87 11.62
C ARG B 133 -38.20 -6.81 10.73
N LEU B 134 -37.75 -7.21 9.53
CA LEU B 134 -37.18 -6.24 8.60
C LEU B 134 -38.22 -5.21 8.18
N GLN B 135 -39.45 -5.66 7.89
CA GLN B 135 -40.50 -4.73 7.49
C GLN B 135 -40.82 -3.74 8.60
N GLU B 136 -40.91 -4.22 9.84
CA GLU B 136 -41.26 -3.32 10.94
C GLU B 136 -40.09 -2.42 11.31
N LEU B 137 -38.85 -2.86 11.08
CA LEU B 137 -37.71 -1.98 11.29
C LEU B 137 -37.64 -0.89 10.23
N LEU B 138 -37.96 -1.23 8.98
CA LEU B 138 -38.03 -0.23 7.92
C LEU B 138 -39.16 0.77 8.19
N ASN B 139 -40.31 0.28 8.66
CA ASN B 139 -41.42 1.17 8.97
C ASN B 139 -41.14 2.02 10.20
N ASP B 140 -40.38 1.49 11.16
CA ASP B 140 -40.12 2.22 12.40
C ASP B 140 -39.35 3.51 12.15
N PHE B 141 -38.34 3.46 11.29
CA PHE B 141 -37.44 4.58 11.07
C PHE B 141 -37.75 5.35 9.80
N LYS B 142 -38.91 5.11 9.19
CA LYS B 142 -39.35 5.83 8.00
C LYS B 142 -38.33 5.72 6.87
N ILE B 143 -37.74 4.55 6.71
CA ILE B 143 -36.81 4.28 5.63
C ILE B 143 -37.37 3.26 4.65
N THR B 144 -38.69 3.06 4.65
CA THR B 144 -39.29 2.12 3.73
C THR B 144 -39.22 2.61 2.29
N HIS B 145 -39.30 3.93 2.08
CA HIS B 145 -39.27 4.48 0.73
C HIS B 145 -37.89 4.35 0.09
N ILE B 146 -36.86 4.06 0.87
CA ILE B 146 -35.51 3.86 0.34
C ILE B 146 -35.03 2.44 0.59
N LYS B 147 -35.96 1.48 0.73
CA LYS B 147 -35.57 0.10 1.02
C LYS B 147 -34.80 -0.51 -0.15
N ASP B 148 -35.06 -0.07 -1.38
CA ASP B 148 -34.40 -0.61 -2.56
C ASP B 148 -33.28 0.28 -3.07
N SER B 149 -32.90 1.32 -2.32
CA SER B 149 -31.85 2.22 -2.72
C SER B 149 -30.54 1.85 -2.02
N LEU B 150 -29.44 1.93 -2.76
CA LEU B 150 -28.14 1.54 -2.22
C LEU B 150 -27.73 2.45 -1.07
N GLY B 151 -26.93 1.90 -0.17
CA GLY B 151 -26.52 2.65 1.01
C GLY B 151 -25.62 3.83 0.72
N MET B 152 -24.96 3.82 -0.44
CA MET B 152 -24.09 4.93 -0.81
C MET B 152 -24.85 6.06 -1.51
N SER B 153 -26.15 5.89 -1.74
CA SER B 153 -26.95 6.86 -2.46
C SER B 153 -28.16 7.28 -1.64
N VAL B 154 -27.95 7.57 -0.36
CA VAL B 154 -28.99 8.05 0.54
C VAL B 154 -28.46 9.28 1.27
N SER B 155 -29.39 10.08 1.79
CA SER B 155 -29.01 11.29 2.50
C SER B 155 -28.39 10.94 3.85
N GLY B 156 -27.78 11.95 4.47
CA GLY B 156 -27.08 11.71 5.74
C GLY B 156 -28.01 11.24 6.84
N GLY B 157 -29.16 11.91 6.99
CA GLY B 157 -30.12 11.48 8.00
C GLY B 157 -30.71 10.11 7.70
N GLU B 158 -31.05 9.86 6.43
CA GLU B 158 -31.56 8.55 6.05
C GLU B 158 -30.51 7.46 6.27
N ARG B 159 -29.25 7.76 5.92
CA ARG B 159 -28.19 6.79 6.13
C ARG B 159 -28.00 6.50 7.62
N ARG B 160 -28.04 7.54 8.46
CA ARG B 160 -27.90 7.33 9.89
C ARG B 160 -29.05 6.51 10.45
N ARG B 161 -30.28 6.78 9.99
CA ARG B 161 -31.42 5.99 10.44
C ARG B 161 -31.28 4.54 9.99
N ALA B 162 -30.79 4.31 8.77
CA ALA B 162 -30.56 2.96 8.30
C ALA B 162 -29.50 2.26 9.14
N GLU B 163 -28.44 2.97 9.51
CA GLU B 163 -27.41 2.39 10.37
C GLU B 163 -27.97 2.02 11.74
N ILE B 164 -28.82 2.88 12.30
CA ILE B 164 -29.40 2.59 13.60
C ILE B 164 -30.35 1.40 13.52
N ALA B 165 -31.14 1.32 12.45
CA ALA B 165 -32.01 0.16 12.26
C ALA B 165 -31.20 -1.11 12.08
N ARG B 166 -30.09 -1.03 11.34
CA ARG B 166 -29.22 -2.19 11.16
C ARG B 166 -28.62 -2.64 12.49
N ALA B 167 -28.22 -1.67 13.32
CA ALA B 167 -27.68 -2.02 14.65
C ALA B 167 -28.76 -2.66 15.52
N LEU B 168 -29.99 -2.13 15.46
CA LEU B 168 -31.09 -2.72 16.23
C LEU B 168 -31.47 -4.10 15.72
N ALA B 169 -31.22 -4.39 14.44
CA ALA B 169 -31.54 -5.70 13.90
C ALA B 169 -30.79 -6.81 14.63
N ALA B 170 -29.62 -6.51 15.19
CA ALA B 170 -28.88 -7.47 15.98
C ALA B 170 -29.44 -7.64 17.38
N ASP B 171 -30.43 -6.83 17.77
CA ASP B 171 -31.07 -6.85 19.08
C ASP B 171 -30.02 -6.64 20.17
N PRO B 172 -29.45 -5.43 20.28
CA PRO B 172 -28.49 -5.17 21.34
C PRO B 172 -29.16 -4.75 22.64
N LYS B 173 -28.48 -5.03 23.75
CA LYS B 173 -28.95 -4.61 25.06
C LYS B 173 -28.39 -3.26 25.46
N PHE B 174 -27.25 -2.85 24.91
CA PHE B 174 -26.64 -1.56 25.21
C PHE B 174 -26.08 -1.00 23.91
N MET B 175 -26.68 0.08 23.40
CA MET B 175 -26.23 0.72 22.18
C MET B 175 -25.25 1.83 22.53
N LEU B 176 -24.02 1.70 22.07
CA LEU B 176 -22.96 2.67 22.34
C LEU B 176 -22.83 3.58 21.13
N LEU B 177 -23.26 4.84 21.28
CA LEU B 177 -23.24 5.80 20.19
C LEU B 177 -21.98 6.64 20.26
N ASP B 178 -21.29 6.75 19.11
CA ASP B 178 -20.07 7.53 19.00
C ASP B 178 -20.39 8.82 18.24
N GLU B 179 -20.34 9.93 18.95
CA GLU B 179 -20.61 11.25 18.38
C GLU B 179 -21.91 11.30 17.57
N PRO B 180 -23.05 11.01 18.20
CA PRO B 180 -24.31 11.06 17.43
C PRO B 180 -24.66 12.44 16.91
N PHE B 181 -24.34 13.49 17.67
CA PHE B 181 -24.57 14.86 17.23
C PHE B 181 -23.33 15.46 16.57
N ALA B 182 -22.78 14.76 15.59
CA ALA B 182 -21.60 15.21 14.86
C ALA B 182 -21.99 15.51 13.42
N GLY B 183 -21.70 16.72 12.96
CA GLY B 183 -22.07 17.11 11.61
C GLY B 183 -23.57 17.09 11.39
N VAL B 184 -24.35 17.56 12.36
CA VAL B 184 -25.80 17.56 12.30
C VAL B 184 -26.29 18.98 12.52
N ASP B 185 -27.27 19.39 11.72
CA ASP B 185 -27.82 20.73 11.84
C ASP B 185 -28.61 20.85 13.15
N PRO B 186 -28.72 22.07 13.69
CA PRO B 186 -29.52 22.24 14.92
C PRO B 186 -30.96 21.82 14.75
N ILE B 187 -31.54 21.98 13.56
CA ILE B 187 -32.91 21.52 13.32
C ILE B 187 -32.98 20.00 13.40
N SER B 188 -31.94 19.32 12.92
CA SER B 188 -31.92 17.87 12.90
C SER B 188 -31.39 17.26 14.20
N VAL B 189 -30.97 18.09 15.16
CA VAL B 189 -30.58 17.58 16.47
C VAL B 189 -31.78 16.99 17.19
N GLY B 190 -32.95 17.61 17.01
CA GLY B 190 -34.16 17.08 17.61
C GLY B 190 -34.50 15.68 17.13
N ASP B 191 -34.27 15.42 15.84
CA ASP B 191 -34.53 14.09 15.30
C ASP B 191 -33.60 13.05 15.92
N ILE B 192 -32.33 13.40 16.10
CA ILE B 192 -31.37 12.48 16.73
C ILE B 192 -31.76 12.23 18.18
N LYS B 193 -32.17 13.28 18.89
CA LYS B 193 -32.61 13.13 20.27
C LYS B 193 -33.83 12.23 20.36
N ASP B 194 -34.78 12.40 19.43
CA ASP B 194 -35.96 11.54 19.41
C ASP B 194 -35.58 10.09 19.13
N ILE B 195 -34.62 9.88 18.22
CA ILE B 195 -34.18 8.52 17.94
C ILE B 195 -33.54 7.89 19.18
N ILE B 196 -32.59 8.56 19.82
CA ILE B 196 -31.85 8.05 21.02
C ILE B 196 -32.80 7.82 22.19
N ARG B 197 -33.99 8.39 22.15
CA ARG B 197 -34.95 8.27 23.24
C ARG B 197 -35.85 7.10 22.91
N ASN B 198 -35.88 6.67 21.66
CA ASN B 198 -36.65 5.47 21.27
C ASN B 198 -35.74 4.26 21.39
N LEU B 199 -34.44 4.45 21.53
CA LEU B 199 -33.55 3.31 21.73
C LEU B 199 -33.68 3.01 23.21
N LYS B 200 -33.91 4.03 24.03
CA LYS B 200 -34.11 3.81 25.49
C LYS B 200 -35.54 3.37 25.76
N ASP B 201 -36.50 3.80 24.94
CA ASP B 201 -37.90 3.33 25.07
C ASP B 201 -38.05 1.99 24.39
N ARG B 202 -36.98 1.22 24.24
CA ARG B 202 -37.05 -0.15 23.67
C ARG B 202 -36.26 -1.00 24.64
N GLY B 203 -35.63 -0.35 25.61
CA GLY B 203 -34.84 -1.04 26.62
C GLY B 203 -33.41 -1.17 26.23
N ILE B 204 -32.90 -0.26 25.42
CA ILE B 204 -31.52 -0.42 24.89
C ILE B 204 -30.70 0.64 25.59
N GLY B 205 -30.11 0.32 26.71
CA GLY B 205 -29.27 1.34 27.29
C GLY B 205 -28.41 2.02 26.24
N VAL B 206 -28.32 3.35 26.28
CA VAL B 206 -27.56 4.10 25.24
C VAL B 206 -26.44 4.89 25.89
N LEU B 207 -25.17 4.62 25.60
CA LEU B 207 -23.98 5.32 26.07
C LEU B 207 -23.52 6.26 24.97
N ILE B 208 -23.42 7.55 25.28
CA ILE B 208 -23.15 8.58 24.30
C ILE B 208 -21.86 9.28 24.68
N THR B 209 -20.91 9.31 23.76
CA THR B 209 -19.73 10.17 23.85
C THR B 209 -19.79 11.17 22.71
N ASP B 210 -19.57 12.44 23.04
CA ASP B 210 -19.73 13.48 22.04
C ASP B 210 -18.99 14.74 22.48
N HIS B 211 -18.42 15.44 21.50
CA HIS B 211 -17.85 16.76 21.77
C HIS B 211 -18.94 17.78 22.04
N ASN B 212 -20.09 17.64 21.37
CA ASN B 212 -21.22 18.55 21.55
C ASN B 212 -21.91 18.19 22.86
N VAL B 213 -21.37 18.71 23.96
CA VAL B 213 -21.84 18.36 25.29
C VAL B 213 -23.22 18.95 25.56
N ARG B 214 -23.52 20.12 25.00
CA ARG B 214 -24.69 20.87 25.44
C ARG B 214 -25.99 20.18 25.01
N GLU B 215 -26.03 19.66 23.78
CA GLU B 215 -27.19 18.87 23.38
C GLU B 215 -27.11 17.42 23.84
N THR B 216 -25.93 16.96 24.26
CA THR B 216 -25.82 15.63 24.83
C THR B 216 -26.44 15.57 26.22
N LEU B 217 -26.19 16.59 27.04
CA LEU B 217 -26.72 16.64 28.40
C LEU B 217 -28.23 16.82 28.43
N ALA B 218 -28.86 17.13 27.29
CA ALA B 218 -30.30 17.34 27.26
C ALA B 218 -31.09 16.04 27.22
N ILE B 219 -30.44 14.90 26.98
CA ILE B 219 -31.14 13.63 26.89
C ILE B 219 -30.60 12.65 27.92
N CYS B 220 -29.35 12.81 28.33
CA CYS B 220 -28.72 11.86 29.23
C CYS B 220 -29.38 11.87 30.59
N GLU B 221 -29.53 10.71 31.18
CA GLU B 221 -30.13 10.60 32.50
C GLU B 221 -29.02 10.61 33.52
N HIS B 222 -27.82 10.26 33.13
CA HIS B 222 -26.72 10.09 34.06
C HIS B 222 -25.43 10.33 33.29
N ALA B 223 -24.71 11.38 33.63
CA ALA B 223 -23.55 11.81 32.85
C ALA B 223 -22.26 11.53 33.62
N TYR B 224 -21.19 11.30 32.86
CA TYR B 224 -19.86 11.06 33.40
C TYR B 224 -18.87 11.97 32.68
N ILE B 225 -18.02 12.65 33.45
CA ILE B 225 -17.02 13.54 32.91
C ILE B 225 -15.64 12.95 33.18
N VAL B 226 -14.88 12.72 32.12
CA VAL B 226 -13.56 12.12 32.20
C VAL B 226 -12.54 13.19 31.84
N SER B 227 -11.69 13.55 32.80
CA SER B 227 -10.65 14.55 32.60
C SER B 227 -9.30 13.95 32.95
N GLU B 228 -8.37 14.03 32.01
CA GLU B 228 -7.02 13.51 32.17
C GLU B 228 -7.03 12.04 32.58
N GLY B 229 -7.92 11.29 31.94
CA GLY B 229 -7.97 9.85 32.10
C GLY B 229 -8.73 9.35 33.30
N ALA B 230 -9.27 10.24 34.13
CA ALA B 230 -9.99 9.84 35.33
C ALA B 230 -11.37 10.48 35.33
N VAL B 231 -12.33 9.76 35.91
CA VAL B 231 -13.69 10.25 36.02
C VAL B 231 -13.74 11.30 37.13
N ILE B 232 -14.24 12.49 36.80
CA ILE B 232 -14.28 13.61 37.74
C ILE B 232 -15.70 14.00 38.10
N ALA B 233 -16.71 13.33 37.56
CA ALA B 233 -18.09 13.70 37.84
C ALA B 233 -18.99 12.49 37.67
N GLU B 234 -20.17 12.59 38.28
CA GLU B 234 -21.17 11.52 38.24
C GLU B 234 -22.49 12.09 38.70
N GLY B 235 -23.55 11.80 37.97
CA GLY B 235 -24.88 12.21 38.35
C GLY B 235 -25.65 12.71 37.15
N SER B 236 -26.80 13.32 37.42
CA SER B 236 -27.63 13.87 36.38
C SER B 236 -26.95 15.09 35.75
N PRO B 237 -27.37 15.47 34.54
CA PRO B 237 -26.78 16.66 33.91
C PRO B 237 -26.90 17.91 34.77
N GLN B 238 -27.96 18.04 35.56
CA GLN B 238 -28.05 19.15 36.49
C GLN B 238 -26.91 19.10 37.51
N ASP B 239 -26.60 17.92 38.02
CA ASP B 239 -25.47 17.78 38.93
C ASP B 239 -24.15 18.09 38.23
N ILE B 240 -24.02 17.71 36.96
CA ILE B 240 -22.81 17.99 36.21
C ILE B 240 -22.61 19.49 36.04
N LEU B 241 -23.69 20.20 35.71
CA LEU B 241 -23.59 21.64 35.46
C LEU B 241 -23.31 22.45 36.72
N GLU B 242 -23.50 21.87 37.90
CA GLU B 242 -23.20 22.56 39.16
C GLU B 242 -21.99 21.95 39.86
N ASN B 243 -21.10 21.30 39.11
CA ASN B 243 -19.89 20.70 39.65
C ASN B 243 -18.72 21.64 39.42
N GLU B 244 -18.01 21.99 40.49
CA GLU B 244 -16.94 22.98 40.38
C GLU B 244 -15.81 22.50 39.48
N GLN B 245 -15.41 21.23 39.62
CA GLN B 245 -14.32 20.71 38.80
C GLN B 245 -14.69 20.67 37.32
N VAL B 246 -15.91 20.27 37.00
CA VAL B 246 -16.35 20.11 35.62
C VAL B 246 -16.32 21.45 34.90
N ARG B 247 -16.91 22.47 35.52
CA ARG B 247 -16.87 23.79 34.89
C ARG B 247 -15.56 24.52 35.15
N LYS B 248 -14.64 23.93 35.91
CA LYS B 248 -13.32 24.49 36.06
C LYS B 248 -12.34 23.97 35.02
N VAL B 249 -12.56 22.76 34.50
CA VAL B 249 -11.61 22.18 33.55
C VAL B 249 -12.27 21.92 32.20
N TYR B 250 -13.59 21.72 32.18
CA TYR B 250 -14.29 21.33 30.96
C TYR B 250 -15.30 22.37 30.49
N LEU B 251 -16.26 22.74 31.33
CA LEU B 251 -17.39 23.53 30.87
C LEU B 251 -17.14 25.03 30.90
N GLY B 252 -16.21 25.50 31.71
CA GLY B 252 -15.94 26.92 31.82
C GLY B 252 -16.87 27.61 32.81
N ASP B 253 -16.54 28.86 33.11
CA ASP B 253 -17.31 29.62 34.10
C ASP B 253 -18.74 29.86 33.62
N ASP B 254 -18.92 30.22 32.36
CA ASP B 254 -20.23 30.49 31.79
C ASP B 254 -20.61 29.39 30.81
N PHE B 255 -21.77 28.79 31.03
CA PHE B 255 -22.24 27.71 30.17
C PHE B 255 -23.75 27.56 30.25
N ILE C 2 14.50 29.00 6.17
CA ILE C 2 14.15 27.92 7.08
C ILE C 2 13.29 26.90 6.35
N ILE C 3 12.36 27.39 5.52
CA ILE C 3 11.50 26.48 4.78
C ILE C 3 12.31 25.68 3.76
N ARG C 4 13.31 26.32 3.14
CA ARG C 4 14.14 25.60 2.18
C ARG C 4 14.93 24.48 2.83
N ARG C 5 15.58 24.78 3.96
CA ARG C 5 16.34 23.74 4.64
C ARG C 5 15.43 22.67 5.24
N TYR C 6 14.23 23.05 5.68
CA TYR C 6 13.25 22.08 6.14
C TYR C 6 12.88 21.10 5.04
N LEU C 7 12.54 21.62 3.86
CA LEU C 7 12.18 20.77 2.73
C LEU C 7 13.36 19.93 2.28
N VAL C 8 14.57 20.51 2.26
CA VAL C 8 15.76 19.77 1.85
C VAL C 8 16.02 18.62 2.81
N LYS C 9 15.88 18.87 4.12
CA LYS C 9 16.09 17.82 5.10
C LYS C 9 15.07 16.70 4.91
N GLN C 10 13.79 17.04 4.76
CA GLN C 10 12.78 16.00 4.57
C GLN C 10 13.04 15.20 3.29
N VAL C 11 13.34 15.89 2.19
CA VAL C 11 13.51 15.20 0.92
C VAL C 11 14.77 14.35 0.94
N VAL C 12 15.86 14.84 1.53
CA VAL C 12 17.08 14.05 1.62
C VAL C 12 16.85 12.81 2.46
N SER C 13 16.19 12.97 3.61
CA SER C 13 15.95 11.82 4.48
C SER C 13 15.08 10.78 3.79
N THR C 14 13.94 11.20 3.25
CA THR C 14 13.03 10.24 2.63
C THR C 14 13.61 9.68 1.34
N SER C 15 14.42 10.45 0.61
CA SER C 15 15.04 9.93 -0.60
C SER C 15 16.14 8.95 -0.28
N LEU C 16 16.88 9.17 0.80
CA LEU C 16 17.85 8.17 1.24
C LEU C 16 17.15 6.89 1.68
N VAL C 17 16.03 7.02 2.39
CA VAL C 17 15.28 5.84 2.80
C VAL C 17 14.76 5.08 1.58
N VAL C 18 14.19 5.82 0.62
CA VAL C 18 13.64 5.20 -0.58
C VAL C 18 14.74 4.59 -1.44
N ILE C 19 15.90 5.25 -1.52
CA ILE C 19 17.01 4.72 -2.29
C ILE C 19 17.54 3.45 -1.66
N ALA C 20 17.67 3.42 -0.33
CA ALA C 20 18.10 2.20 0.34
C ALA C 20 17.08 1.08 0.13
N LEU C 21 15.79 1.40 0.24
CA LEU C 21 14.75 0.39 0.06
C LEU C 21 14.74 -0.15 -1.37
N LEU C 22 14.87 0.74 -2.36
CA LEU C 22 14.87 0.31 -3.76
C LEU C 22 16.13 -0.46 -4.10
N THR C 23 17.27 -0.06 -3.53
CA THR C 23 18.49 -0.82 -3.72
C THR C 23 18.33 -2.22 -3.15
N LEU C 24 17.82 -2.33 -1.92
CA LEU C 24 17.56 -3.64 -1.35
C LEU C 24 16.66 -4.45 -2.26
N ILE C 25 15.51 -3.89 -2.66
CA ILE C 25 14.53 -4.61 -3.45
C ILE C 25 15.14 -5.10 -4.77
N MET C 26 15.58 -4.16 -5.60
CA MET C 26 16.02 -4.50 -6.95
C MET C 26 17.31 -5.32 -6.93
N MET C 27 18.31 -4.88 -6.16
CA MET C 27 19.59 -5.55 -6.15
C MET C 27 19.50 -6.91 -5.49
N GLY C 28 18.61 -7.10 -4.52
CA GLY C 28 18.38 -8.43 -3.98
C GLY C 28 17.56 -9.31 -4.90
N GLY C 29 16.66 -8.72 -5.69
CA GLY C 29 15.96 -9.50 -6.69
C GLY C 29 16.90 -10.02 -7.77
N ARG C 30 17.91 -9.21 -8.12
CA ARG C 30 18.94 -9.67 -9.04
C ARG C 30 19.90 -10.65 -8.37
N LEU C 31 20.23 -10.41 -7.09
CA LEU C 31 21.10 -11.30 -6.34
C LEU C 31 20.46 -12.67 -6.15
N ILE C 32 19.12 -12.73 -6.08
CA ILE C 32 18.45 -14.02 -5.96
C ILE C 32 18.57 -14.81 -7.25
N LYS C 33 18.47 -14.14 -8.40
CA LYS C 33 18.72 -14.81 -9.67
C LYS C 33 20.16 -15.28 -9.76
N TYR C 34 21.10 -14.46 -9.29
CA TYR C 34 22.51 -14.86 -9.28
C TYR C 34 22.71 -16.06 -8.36
N PHE C 35 22.03 -16.08 -7.22
CA PHE C 35 22.13 -17.20 -6.30
C PHE C 35 21.54 -18.47 -6.89
N GLY C 36 20.45 -18.35 -7.65
CA GLY C 36 19.92 -19.50 -8.35
C GLY C 36 20.87 -20.03 -9.40
N VAL C 37 21.51 -19.13 -10.14
CA VAL C 37 22.52 -19.54 -11.11
C VAL C 37 23.67 -20.26 -10.41
N ALA C 38 24.09 -19.73 -9.25
CA ALA C 38 25.16 -20.37 -8.48
C ALA C 38 24.73 -21.76 -7.99
N ALA C 39 23.48 -21.87 -7.52
CA ALA C 39 22.98 -23.15 -7.05
C ALA C 39 22.87 -24.16 -8.19
N GLN C 40 22.69 -23.68 -9.41
CA GLN C 40 22.73 -24.56 -10.58
C GLN C 40 24.15 -24.88 -11.03
N GLY C 41 25.16 -24.32 -10.36
CA GLY C 41 26.54 -24.59 -10.68
C GLY C 41 27.16 -23.76 -11.77
N ARG C 42 26.42 -22.80 -12.33
CA ARG C 42 26.91 -21.98 -13.41
C ARG C 42 27.61 -20.71 -12.92
N LEU C 43 27.75 -20.53 -11.61
CA LEU C 43 28.40 -19.35 -11.06
C LEU C 43 28.93 -19.69 -9.69
N ASP C 44 30.08 -19.10 -9.35
CA ASP C 44 30.67 -19.34 -8.04
C ASP C 44 29.87 -18.61 -6.96
N ALA C 45 29.53 -19.33 -5.89
CA ALA C 45 28.78 -18.74 -4.80
C ALA C 45 29.62 -17.73 -4.01
N GLY C 46 30.94 -17.83 -4.07
CA GLY C 46 31.81 -16.92 -3.35
C GLY C 46 32.15 -15.64 -4.07
N VAL C 47 31.67 -15.45 -5.31
CA VAL C 47 31.98 -14.26 -6.07
C VAL C 47 30.73 -13.43 -6.36
N LEU C 48 29.54 -13.95 -6.07
CA LEU C 48 28.31 -13.20 -6.31
C LEU C 48 28.28 -11.89 -5.55
N PHE C 49 28.93 -11.82 -4.38
CA PHE C 49 29.01 -10.55 -3.67
C PHE C 49 29.91 -9.55 -4.41
N SER C 50 30.94 -10.05 -5.10
CA SER C 50 31.73 -9.16 -5.94
C SER C 50 30.91 -8.62 -7.10
N ILE C 51 30.01 -9.45 -7.66
CA ILE C 51 29.09 -8.97 -8.69
C ILE C 51 28.16 -7.92 -8.13
N ILE C 52 27.68 -8.13 -6.90
CA ILE C 52 26.83 -7.15 -6.24
C ILE C 52 27.57 -5.82 -6.08
N GLY C 53 28.83 -5.89 -5.66
CA GLY C 53 29.61 -4.67 -5.50
C GLY C 53 29.88 -3.96 -6.82
N TYR C 54 30.18 -4.72 -7.87
CA TYR C 54 30.54 -4.11 -9.15
C TYR C 54 29.33 -3.59 -9.90
N ARG C 55 28.16 -4.21 -9.73
CA ARG C 55 26.94 -3.73 -10.36
C ARG C 55 26.20 -2.71 -9.51
N MET C 56 26.74 -2.34 -8.35
CA MET C 56 26.14 -1.28 -7.55
C MET C 56 26.02 0.03 -8.30
N PRO C 57 27.05 0.54 -8.99
CA PRO C 57 26.86 1.80 -9.74
C PRO C 57 25.78 1.71 -10.81
N GLU C 58 25.66 0.59 -11.50
CA GLU C 58 24.66 0.48 -12.56
C GLU C 58 23.25 0.52 -11.99
N PHE C 59 23.01 -0.20 -10.89
CA PHE C 59 21.69 -0.17 -10.28
C PHE C 59 21.40 1.20 -9.67
N LEU C 60 22.40 1.82 -9.03
CA LEU C 60 22.21 3.14 -8.46
C LEU C 60 21.93 4.18 -9.55
N THR C 61 22.46 3.95 -10.75
CA THR C 61 22.19 4.86 -11.87
C THR C 61 20.70 5.01 -12.13
N LEU C 62 19.93 3.95 -11.90
CA LEU C 62 18.48 4.01 -12.04
C LEU C 62 17.77 4.32 -10.73
N ILE C 63 18.33 3.88 -9.61
CA ILE C 63 17.67 4.07 -8.32
C ILE C 63 17.70 5.54 -7.91
N LEU C 64 18.81 6.22 -8.17
CA LEU C 64 18.94 7.62 -7.74
C LEU C 64 17.87 8.53 -8.33
N PRO C 65 17.58 8.52 -9.65
CA PRO C 65 16.49 9.37 -10.15
C PRO C 65 15.15 8.88 -9.65
N LEU C 66 14.94 7.57 -9.68
CA LEU C 66 13.69 7.01 -9.16
C LEU C 66 13.53 7.27 -7.68
N GLY C 67 14.61 7.11 -6.91
CA GLY C 67 14.55 7.39 -5.49
C GLY C 67 14.27 8.86 -5.19
N PHE C 68 14.92 9.75 -5.93
CA PHE C 68 14.67 11.18 -5.76
C PHE C 68 13.22 11.53 -6.12
N PHE C 69 12.70 10.96 -7.21
CA PHE C 69 11.33 11.22 -7.61
C PHE C 69 10.34 10.73 -6.55
N ILE C 70 10.56 9.51 -6.04
CA ILE C 70 9.65 8.96 -5.04
C ILE C 70 9.75 9.74 -3.74
N GLY C 71 10.96 10.16 -3.36
CA GLY C 71 11.10 10.96 -2.16
C GLY C 71 10.43 12.32 -2.27
N LEU C 72 10.57 12.96 -3.43
CA LEU C 72 9.88 14.22 -3.66
C LEU C 72 8.37 14.05 -3.60
N MET C 73 7.87 12.98 -4.23
CA MET C 73 6.45 12.69 -4.16
C MET C 73 5.99 12.46 -2.72
N LEU C 74 6.78 11.72 -1.94
CA LEU C 74 6.40 11.45 -0.57
C LEU C 74 6.37 12.71 0.26
N VAL C 75 7.38 13.57 0.11
CA VAL C 75 7.44 14.81 0.88
C VAL C 75 6.29 15.74 0.51
N PHE C 76 6.03 15.89 -0.79
CA PHE C 76 4.95 16.80 -1.19
C PHE C 76 3.58 16.23 -0.83
N GLY C 77 3.40 14.91 -0.91
CA GLY C 77 2.17 14.30 -0.45
C GLY C 77 1.97 14.43 1.04
N ARG C 78 3.04 14.34 1.82
CA ARG C 78 2.94 14.59 3.25
C ARG C 78 2.59 16.04 3.54
N LEU C 79 3.17 16.97 2.77
CA LEU C 79 2.80 18.38 2.94
C LEU C 79 1.34 18.61 2.64
N TYR C 80 0.83 18.00 1.56
CA TYR C 80 -0.58 18.15 1.21
C TYR C 80 -1.48 17.49 2.25
N VAL C 81 -1.12 16.29 2.70
CA VAL C 81 -1.96 15.53 3.62
C VAL C 81 -1.97 16.18 5.00
N ASP C 82 -0.80 16.58 5.49
CA ASP C 82 -0.70 17.22 6.80
C ASP C 82 -1.13 18.68 6.78
N HIS C 83 -1.71 19.15 5.68
CA HIS C 83 -2.19 20.52 5.53
C HIS C 83 -1.08 21.55 5.65
N GLU C 84 0.18 21.11 5.57
CA GLU C 84 1.29 22.05 5.57
C GLU C 84 1.41 22.78 4.23
N MET C 85 0.88 22.20 3.15
CA MET C 85 0.85 22.90 1.88
C MET C 85 -0.23 23.97 1.83
N ALA C 86 -1.32 23.77 2.56
CA ALA C 86 -2.37 24.79 2.62
C ALA C 86 -1.87 26.08 3.25
N VAL C 87 -1.07 25.96 4.32
CA VAL C 87 -0.52 27.16 4.95
C VAL C 87 0.66 27.69 4.18
N LEU C 88 1.40 26.84 3.47
CA LEU C 88 2.45 27.34 2.58
C LEU C 88 1.85 28.09 1.41
N ASN C 89 0.84 27.51 0.77
CA ASN C 89 0.12 28.23 -0.27
C ASN C 89 -0.62 29.44 0.32
N GLY C 90 -1.18 29.28 1.52
CA GLY C 90 -1.87 30.37 2.18
C GLY C 90 -0.96 31.48 2.66
N SER C 91 0.35 31.28 2.58
CA SER C 91 1.32 32.33 2.91
C SER C 91 1.97 32.93 1.67
N GLY C 92 1.52 32.55 0.48
CA GLY C 92 2.11 33.04 -0.75
C GLY C 92 3.19 32.17 -1.34
N ILE C 93 3.43 30.99 -0.79
CA ILE C 93 4.48 30.10 -1.25
C ILE C 93 3.82 29.02 -2.11
N SER C 94 4.02 29.08 -3.42
CA SER C 94 3.40 28.12 -4.31
C SER C 94 4.15 26.79 -4.27
N ARG C 95 3.53 25.77 -4.88
CA ARG C 95 4.21 24.48 -5.03
C ARG C 95 5.39 24.59 -5.98
N ILE C 96 5.23 25.36 -7.06
CA ILE C 96 6.35 25.63 -7.95
C ILE C 96 7.45 26.38 -7.21
N ARG C 97 7.07 27.21 -6.24
CA ARG C 97 8.06 27.87 -5.40
C ARG C 97 8.86 26.85 -4.59
N LEU C 98 8.20 25.81 -4.09
CA LEU C 98 8.92 24.74 -3.40
C LEU C 98 9.84 24.00 -4.36
N GLY C 99 9.37 23.72 -5.57
CA GLY C 99 10.24 23.09 -6.55
C GLY C 99 11.47 23.92 -6.87
N GLN C 100 11.30 25.23 -6.95
CA GLN C 100 12.44 26.11 -7.19
C GLN C 100 13.36 26.19 -5.97
N LEU C 101 12.79 26.09 -4.77
CA LEU C 101 13.60 26.05 -3.56
C LEU C 101 14.48 24.81 -3.50
N LEU C 102 13.97 23.67 -3.98
CA LEU C 102 14.74 22.43 -4.00
C LEU C 102 15.57 22.27 -5.26
N ILE C 103 15.77 23.35 -6.03
CA ILE C 103 16.67 23.28 -7.18
C ILE C 103 18.10 22.96 -6.78
N PRO C 104 18.70 23.59 -5.74
CA PRO C 104 20.06 23.19 -5.36
C PRO C 104 20.21 21.72 -5.02
N LEU C 105 19.23 21.11 -4.35
CA LEU C 105 19.30 19.68 -4.08
C LEU C 105 19.22 18.88 -5.38
N ALA C 106 18.42 19.35 -6.34
CA ALA C 106 18.37 18.71 -7.64
C ALA C 106 19.73 18.78 -8.34
N LEU C 107 20.42 19.91 -8.24
CA LEU C 107 21.75 20.03 -8.83
C LEU C 107 22.74 19.11 -8.12
N VAL C 108 22.63 18.98 -6.80
CA VAL C 108 23.53 18.09 -6.07
C VAL C 108 23.32 16.65 -6.53
N PHE C 109 22.05 16.22 -6.63
CA PHE C 109 21.78 14.87 -7.10
C PHE C 109 22.16 14.68 -8.56
N LEU C 110 22.04 15.74 -9.37
CA LEU C 110 22.49 15.65 -10.76
C LEU C 110 23.99 15.47 -10.83
N VAL C 111 24.75 16.17 -9.99
CA VAL C 111 26.20 15.99 -9.95
C VAL C 111 26.54 14.57 -9.51
N ILE C 112 25.82 14.05 -8.50
CA ILE C 112 26.07 12.69 -8.03
C ILE C 112 25.82 11.69 -9.16
N GLN C 113 24.69 11.83 -9.86
CA GLN C 113 24.39 10.89 -10.92
C GLN C 113 25.30 11.07 -12.13
N GLY C 114 25.80 12.28 -12.35
CA GLY C 114 26.81 12.46 -13.38
C GLY C 114 28.10 11.75 -13.03
N ILE C 115 28.49 11.80 -11.76
CA ILE C 115 29.64 11.03 -11.31
C ILE C 115 29.41 9.54 -11.52
N LEU C 116 28.20 9.07 -11.20
CA LEU C 116 27.88 7.65 -11.40
C LEU C 116 27.94 7.26 -12.87
N MET C 117 27.24 8.00 -13.73
CA MET C 117 27.13 7.61 -15.14
C MET C 117 28.45 7.77 -15.87
N LEU C 118 29.16 8.89 -15.65
CA LEU C 118 30.35 9.16 -16.44
C LEU C 118 31.52 8.30 -16.01
N TRP C 119 31.70 8.09 -14.71
CA TRP C 119 32.87 7.39 -14.20
C TRP C 119 32.53 6.10 -13.49
N MET C 120 31.64 6.13 -12.49
CA MET C 120 31.45 4.97 -11.63
C MET C 120 30.76 3.83 -12.37
N THR C 121 29.72 4.13 -13.15
CA THR C 121 29.01 3.07 -13.87
C THR C 121 29.90 2.37 -14.89
N PRO C 122 30.64 3.07 -15.77
CA PRO C 122 31.52 2.32 -16.70
C PRO C 122 32.59 1.51 -15.99
N TRP C 123 33.15 2.02 -14.89
CA TRP C 123 34.15 1.27 -14.15
C TRP C 123 33.56 0.00 -13.57
N GLY C 124 32.39 0.11 -12.94
CA GLY C 124 31.73 -1.07 -12.41
C GLY C 124 31.36 -2.05 -13.49
N LEU C 125 30.89 -1.55 -14.63
CA LEU C 125 30.54 -2.43 -15.75
C LEU C 125 31.76 -3.16 -16.30
N ARG C 126 32.90 -2.48 -16.39
CA ARG C 126 34.09 -3.16 -16.92
C ARG C 126 34.62 -4.19 -15.92
N GLN C 127 34.57 -3.88 -14.62
CA GLN C 127 34.97 -4.87 -13.62
C GLN C 127 34.04 -6.08 -13.65
N PHE C 128 32.73 -5.84 -13.77
CA PHE C 128 31.77 -6.93 -13.83
C PHE C 128 31.94 -7.74 -15.11
N ASP C 129 32.28 -7.08 -16.22
CA ASP C 129 32.52 -7.81 -17.46
C ASP C 129 33.75 -8.69 -17.36
N GLN C 130 34.83 -8.19 -16.75
CA GLN C 130 36.00 -9.03 -16.52
C GLN C 130 35.66 -10.20 -15.62
N LEU C 131 34.89 -9.95 -14.56
CA LEU C 131 34.49 -11.02 -13.65
C LEU C 131 33.64 -12.07 -14.38
N SER C 132 32.70 -11.62 -15.21
CA SER C 132 31.84 -12.55 -15.94
C SER C 132 32.65 -13.37 -16.94
N SER C 133 33.61 -12.75 -17.63
CA SER C 133 34.48 -13.49 -18.53
C SER C 133 35.29 -14.52 -17.76
N SER C 134 35.74 -14.17 -16.56
CA SER C 134 36.41 -15.15 -15.72
C SER C 134 35.47 -16.28 -15.28
N GLN C 135 34.19 -15.97 -15.08
CA GLN C 135 33.21 -16.96 -14.66
C GLN C 135 32.46 -17.61 -15.81
N ALA C 136 32.72 -17.20 -17.05
CA ALA C 136 32.13 -17.85 -18.22
C ALA C 136 33.00 -18.97 -18.76
N VAL C 137 34.18 -19.19 -18.18
CA VAL C 137 35.08 -20.25 -18.64
C VAL C 137 34.99 -21.50 -17.78
N ARG C 138 34.29 -21.44 -16.65
CA ARG C 138 34.16 -22.62 -15.79
C ARG C 138 33.44 -23.74 -16.52
N THR C 139 33.97 -24.94 -16.40
CA THR C 139 33.43 -26.11 -17.08
C THR C 139 33.92 -27.36 -16.35
N GLY C 140 33.31 -28.49 -16.68
CA GLY C 140 33.69 -29.74 -16.08
C GLY C 140 32.94 -29.99 -14.78
N PHE C 141 33.68 -30.34 -13.73
CA PHE C 141 33.06 -30.60 -12.44
C PHE C 141 32.56 -29.33 -11.76
N ASP C 142 32.89 -28.16 -12.30
CA ASP C 142 32.37 -26.91 -11.74
C ASP C 142 30.87 -26.83 -11.89
N LEU C 143 30.33 -27.34 -13.00
CA LEU C 143 28.92 -27.24 -13.33
C LEU C 143 28.12 -28.46 -12.91
N VAL C 144 28.73 -29.40 -12.19
CA VAL C 144 28.04 -30.64 -11.86
C VAL C 144 26.92 -30.37 -10.87
N ARG C 145 25.85 -31.17 -10.97
CA ARG C 145 24.74 -31.13 -10.03
C ARG C 145 24.45 -32.54 -9.54
N PRO C 146 24.01 -32.68 -8.29
CA PRO C 146 23.74 -34.02 -7.75
C PRO C 146 22.62 -34.72 -8.50
N LYS C 147 22.77 -36.04 -8.68
CA LYS C 147 21.75 -36.89 -9.28
C LYS C 147 21.37 -36.45 -10.68
N GLU C 148 22.30 -35.81 -11.39
CA GLU C 148 22.05 -35.35 -12.75
C GLU C 148 23.30 -35.56 -13.61
N PHE C 149 23.08 -35.61 -14.91
CA PHE C 149 24.15 -35.72 -15.89
C PHE C 149 24.43 -34.36 -16.51
N ILE C 150 25.67 -33.92 -16.43
CA ILE C 150 26.08 -32.62 -16.96
C ILE C 150 27.00 -32.86 -18.14
N SER C 151 26.63 -32.33 -19.30
CA SER C 151 27.43 -32.46 -20.52
C SER C 151 28.02 -31.09 -20.84
N SER C 152 29.35 -31.03 -20.83
CA SER C 152 30.08 -29.79 -21.15
C SER C 152 31.18 -30.17 -22.13
N GLY C 153 30.97 -29.86 -23.41
CA GLY C 153 31.87 -30.27 -24.46
C GLY C 153 31.91 -31.78 -24.57
N PRO C 154 33.12 -32.35 -24.57
CA PRO C 154 33.28 -33.81 -24.64
C PRO C 154 33.20 -34.53 -23.30
N TYR C 155 32.78 -33.86 -22.23
CA TYR C 155 32.74 -34.44 -20.89
C TYR C 155 31.30 -34.59 -20.43
N THR C 156 30.93 -35.79 -20.02
CA THR C 156 29.63 -36.07 -19.40
C THR C 156 29.90 -36.50 -17.97
N ILE C 157 29.28 -35.81 -17.01
CA ILE C 157 29.61 -35.95 -15.60
C ILE C 157 28.32 -36.20 -14.81
N TYR C 158 28.35 -37.19 -13.93
CA TYR C 158 27.25 -37.50 -13.03
C TYR C 158 27.78 -37.58 -11.61
N ALA C 159 27.02 -37.03 -10.67
CA ALA C 159 27.36 -37.06 -9.26
C ALA C 159 26.14 -37.46 -8.45
N GLY C 160 26.32 -38.46 -7.57
CA GLY C 160 25.22 -38.91 -6.74
C GLY C 160 24.95 -38.03 -5.54
N ASP C 161 25.91 -37.20 -5.15
CA ASP C 161 25.74 -36.32 -4.00
C ASP C 161 26.70 -35.15 -4.13
N LEU C 162 26.41 -34.09 -3.40
CA LEU C 162 27.24 -32.89 -3.41
C LEU C 162 27.04 -32.15 -2.10
N SER C 163 28.12 -31.56 -1.58
CA SER C 163 28.07 -30.85 -0.32
C SER C 163 27.38 -29.50 -0.49
N GLU C 164 27.35 -28.72 0.60
CA GLU C 164 26.80 -27.37 0.52
C GLU C 164 27.61 -26.51 -0.46
N ASP C 165 28.93 -26.62 -0.40
CA ASP C 165 29.78 -26.07 -1.44
C ASP C 165 29.98 -27.11 -2.55
N ARG C 166 30.47 -26.64 -3.69
CA ARG C 166 30.63 -27.52 -4.84
C ARG C 166 31.91 -28.33 -4.74
N LYS C 167 32.09 -29.02 -3.61
CA LYS C 167 33.23 -29.89 -3.39
C LYS C 167 32.75 -31.19 -2.77
N ASN C 168 33.67 -32.15 -2.65
CA ASN C 168 33.41 -33.44 -2.01
C ASN C 168 32.25 -34.18 -2.69
N LEU C 169 32.47 -34.51 -3.97
CA LEU C 169 31.47 -35.24 -4.74
C LEU C 169 31.40 -36.69 -4.29
N LYS C 170 30.24 -37.30 -4.50
CA LYS C 170 30.02 -38.71 -4.20
C LYS C 170 29.32 -39.38 -5.39
N ASP C 171 29.65 -40.65 -5.61
CA ASP C 171 29.07 -41.44 -6.70
C ASP C 171 29.28 -40.76 -8.04
N ILE C 172 30.54 -40.62 -8.42
CA ILE C 172 30.94 -39.84 -9.59
C ILE C 172 31.02 -40.75 -10.80
N PHE C 173 30.39 -40.33 -11.89
CA PHE C 173 30.49 -41.00 -13.18
C PHE C 173 30.96 -39.99 -14.22
N PHE C 174 32.14 -40.22 -14.78
CA PHE C 174 32.75 -39.31 -15.74
C PHE C 174 32.91 -40.00 -17.08
N TYR C 175 32.58 -39.26 -18.14
CA TYR C 175 32.63 -39.79 -19.51
C TYR C 175 33.40 -38.84 -20.40
N GLN C 176 34.04 -39.39 -21.43
CA GLN C 176 34.81 -38.60 -22.38
C GLN C 176 34.23 -38.73 -23.79
N ASP C 185 37.32 -42.80 -25.87
CA ASP C 185 36.40 -42.58 -24.76
C ASP C 185 36.98 -43.11 -23.46
N VAL C 186 37.02 -42.25 -22.44
CA VAL C 186 37.56 -42.60 -21.13
C VAL C 186 36.43 -42.53 -20.11
N MET C 187 36.23 -43.62 -19.38
CA MET C 187 35.20 -43.71 -18.35
C MET C 187 35.87 -43.83 -17.00
N ILE C 188 35.52 -42.92 -16.08
CA ILE C 188 36.06 -42.92 -14.72
C ILE C 188 34.89 -42.90 -13.75
N LEU C 189 34.84 -43.89 -12.87
CA LEU C 189 33.81 -43.99 -11.84
C LEU C 189 34.48 -44.02 -10.48
N ALA C 190 34.17 -43.02 -9.65
CA ALA C 190 34.81 -42.87 -8.35
C ALA C 190 33.76 -42.72 -7.27
N LYS C 191 34.02 -43.33 -6.11
CA LYS C 191 33.12 -43.21 -4.97
C LYS C 191 33.15 -41.79 -4.41
N GLU C 192 34.33 -41.17 -4.36
CA GLU C 192 34.48 -39.82 -3.82
C GLU C 192 35.36 -39.01 -4.76
N ALA C 193 35.16 -37.70 -4.77
CA ALA C 193 35.98 -36.79 -5.55
C ALA C 193 35.89 -35.40 -4.96
N THR C 194 37.02 -34.71 -4.90
CA THR C 194 37.09 -33.34 -4.38
C THR C 194 37.75 -32.46 -5.41
N ARG C 195 37.14 -31.31 -5.70
CA ARG C 195 37.68 -30.39 -6.68
C ARG C 195 38.65 -29.41 -6.03
N ASN C 204 40.75 -27.84 -14.74
CA ASN C 204 40.23 -28.10 -13.41
C ASN C 204 41.00 -29.23 -12.73
N VAL C 205 41.40 -29.01 -11.48
CA VAL C 205 42.14 -29.99 -10.70
C VAL C 205 41.16 -30.68 -9.77
N VAL C 206 40.98 -31.99 -9.94
CA VAL C 206 40.04 -32.78 -9.15
C VAL C 206 40.77 -33.99 -8.59
N ASP C 207 40.63 -34.21 -7.29
CA ASP C 207 41.21 -35.37 -6.62
C ASP C 207 40.11 -36.39 -6.40
N LEU C 208 40.22 -37.54 -7.07
CA LEU C 208 39.24 -38.61 -6.96
C LEU C 208 39.71 -39.64 -5.93
N ILE C 209 38.74 -40.22 -5.22
CA ILE C 209 39.03 -41.19 -4.16
C ILE C 209 38.25 -42.46 -4.45
N GLN C 210 38.96 -43.60 -4.42
CA GLN C 210 38.37 -44.92 -4.64
C GLN C 210 37.65 -44.99 -5.99
N GLY C 211 38.43 -44.82 -7.05
CA GLY C 211 37.86 -44.78 -8.39
C GLY C 211 38.41 -45.84 -9.33
N ARG C 212 37.74 -46.02 -10.47
CA ARG C 212 38.13 -46.98 -11.48
C ARG C 212 38.10 -46.30 -12.84
N ARG C 213 39.15 -46.48 -13.63
CA ARG C 213 39.29 -45.85 -14.93
C ARG C 213 39.13 -46.89 -16.03
N TYR C 214 38.33 -46.57 -17.04
CA TYR C 214 38.07 -47.46 -18.16
C TYR C 214 38.25 -46.70 -19.47
N GLU C 215 38.77 -47.40 -20.48
CA GLU C 215 38.97 -46.84 -21.81
C GLU C 215 38.23 -47.72 -22.82
N ILE C 216 37.53 -47.07 -23.75
CA ILE C 216 36.80 -47.78 -24.79
C ILE C 216 37.17 -47.22 -26.16
N TYR C 223 39.82 -51.67 -24.95
CA TYR C 223 39.38 -51.95 -23.58
C TYR C 223 40.55 -51.94 -22.61
N SER C 224 40.60 -50.92 -21.77
CA SER C 224 41.63 -50.79 -20.75
C SER C 224 40.98 -50.49 -19.40
N GLN C 225 41.52 -51.10 -18.35
CA GLN C 225 41.00 -50.93 -17.00
C GLN C 225 42.14 -50.56 -16.06
N ALA C 226 41.88 -49.62 -15.15
CA ALA C 226 42.91 -49.15 -14.22
C ALA C 226 42.23 -48.74 -12.92
N GLU C 227 42.40 -49.57 -11.88
CA GLU C 227 41.88 -49.25 -10.57
C GLU C 227 42.90 -48.43 -9.78
N PHE C 228 42.39 -47.56 -8.90
CA PHE C 228 43.25 -46.69 -8.13
C PHE C 228 42.52 -46.26 -6.86
N GLN C 229 43.28 -46.11 -5.78
CA GLN C 229 42.71 -45.56 -4.55
C GLN C 229 42.54 -44.05 -4.63
N ARG C 230 43.43 -43.36 -5.34
CA ARG C 230 43.36 -41.93 -5.52
C ARG C 230 43.81 -41.58 -6.93
N TYR C 231 43.36 -40.42 -7.42
CA TYR C 231 43.69 -39.98 -8.76
C TYR C 231 43.57 -38.47 -8.84
N ARG C 232 44.40 -37.87 -9.69
CA ARG C 232 44.36 -36.44 -9.97
C ARG C 232 43.97 -36.25 -11.43
N LEU C 233 42.89 -35.50 -11.66
CA LEU C 233 42.32 -35.33 -12.99
C LEU C 233 42.46 -33.88 -13.42
N ARG C 234 42.84 -33.68 -14.68
CA ARG C 234 43.18 -32.37 -15.22
C ARG C 234 42.50 -32.13 -16.56
N LEU C 235 41.19 -32.36 -16.61
CA LEU C 235 40.43 -32.21 -17.86
C LEU C 235 40.57 -30.80 -18.44
N LYS C 247 33.11 -3.99 -24.12
CA LYS C 247 31.79 -3.46 -24.44
C LYS C 247 31.77 -1.94 -24.35
N VAL C 248 30.92 -1.31 -25.16
CA VAL C 248 30.85 0.14 -25.16
C VAL C 248 30.28 0.66 -23.84
N GLU C 249 29.37 -0.11 -23.21
CA GLU C 249 28.78 0.31 -21.95
C GLU C 249 29.81 0.37 -20.83
N ALA C 250 30.96 -0.26 -21.00
CA ALA C 250 31.98 -0.33 -19.96
C ALA C 250 33.23 0.48 -20.28
N LEU C 251 33.30 1.08 -21.47
CA LEU C 251 34.48 1.85 -21.82
C LEU C 251 34.56 3.13 -21.01
N PRO C 252 35.76 3.62 -20.73
CA PRO C 252 35.89 4.88 -19.98
C PRO C 252 35.31 6.05 -20.77
N SER C 253 34.81 7.04 -20.03
CA SER C 253 34.26 8.23 -20.67
C SER C 253 35.35 9.04 -21.36
N SER C 254 36.58 8.98 -20.85
CA SER C 254 37.68 9.67 -21.51
C SER C 254 37.94 9.11 -22.91
N LYS C 255 37.82 7.79 -23.06
CA LYS C 255 38.02 7.15 -24.35
C LYS C 255 36.82 7.27 -25.27
N LEU C 256 35.69 7.79 -24.78
CA LEU C 256 34.49 7.92 -25.59
C LEU C 256 34.02 9.36 -25.74
N TRP C 257 34.73 10.33 -25.16
CA TRP C 257 34.32 11.73 -25.30
C TRP C 257 34.34 12.16 -26.76
N ASN C 258 35.37 11.77 -27.49
CA ASN C 258 35.44 12.00 -28.93
C ASN C 258 34.69 10.87 -29.65
N LYS C 259 34.87 10.78 -30.96
CA LYS C 259 34.29 9.72 -31.77
C LYS C 259 32.76 9.75 -31.74
N TRP C 260 32.19 10.96 -31.84
CA TRP C 260 30.75 11.10 -31.93
C TRP C 260 30.20 10.57 -33.24
N ASN C 261 31.04 10.34 -34.24
CA ASN C 261 30.57 9.83 -35.53
C ASN C 261 30.08 8.40 -35.42
N ASP C 262 30.73 7.60 -34.58
CA ASP C 262 30.31 6.20 -34.39
C ASP C 262 28.95 6.17 -33.70
N PRO C 263 27.93 5.55 -34.32
CA PRO C 263 26.60 5.56 -33.69
C PRO C 263 26.56 4.91 -32.32
N VAL C 264 27.33 3.85 -32.10
CA VAL C 264 27.34 3.19 -30.79
C VAL C 264 28.00 4.08 -29.76
N ILE C 265 29.16 4.65 -30.09
CA ILE C 265 29.84 5.56 -29.18
C ILE C 265 29.01 6.80 -28.94
N ALA C 266 28.36 7.30 -30.01
CA ALA C 266 27.50 8.46 -29.85
C ALA C 266 26.34 8.17 -28.91
N SER C 267 25.71 7.00 -29.06
CA SER C 267 24.61 6.63 -28.17
C SER C 267 25.09 6.53 -26.73
N GLU C 268 26.23 5.88 -26.51
CA GLU C 268 26.72 5.71 -25.14
C GLU C 268 27.06 7.05 -24.51
N MET C 269 27.72 7.94 -25.25
CA MET C 269 28.08 9.23 -24.68
C MET C 269 26.87 10.12 -24.48
N GLY C 270 25.88 10.08 -25.38
CA GLY C 270 24.66 10.82 -25.15
C GLY C 270 23.90 10.31 -23.95
N TRP C 271 23.91 8.99 -23.74
CA TRP C 271 23.30 8.42 -22.55
C TRP C 271 24.02 8.87 -21.28
N ARG C 272 25.36 8.90 -21.33
CA ARG C 272 26.12 9.28 -20.15
C ARG C 272 26.02 10.77 -19.86
N VAL C 273 25.80 11.59 -20.88
CA VAL C 273 25.75 13.04 -20.71
C VAL C 273 24.34 13.52 -20.38
N PHE C 274 23.35 13.10 -21.16
CA PHE C 274 21.97 13.52 -20.96
C PHE C 274 21.23 12.65 -19.95
N GLY C 275 21.83 11.57 -19.49
CA GLY C 275 21.23 10.74 -18.46
C GLY C 275 21.06 11.42 -17.11
N PRO C 276 22.09 12.11 -16.61
CA PRO C 276 21.97 12.76 -15.30
C PRO C 276 20.86 13.80 -15.22
N PHE C 277 20.39 14.36 -16.33
CA PHE C 277 19.33 15.36 -16.28
C PHE C 277 17.98 14.75 -15.96
N THR C 278 17.87 13.42 -15.90
CA THR C 278 16.66 12.82 -15.39
C THR C 278 16.40 13.19 -13.94
N ILE C 279 17.43 13.62 -13.20
CA ILE C 279 17.21 14.13 -11.85
C ILE C 279 16.38 15.41 -11.89
N VAL C 280 16.75 16.34 -12.78
CA VAL C 280 16.01 17.58 -12.92
C VAL C 280 14.62 17.31 -13.46
N ILE C 281 14.51 16.37 -14.40
CA ILE C 281 13.19 16.00 -14.93
C ILE C 281 12.33 15.42 -13.81
N ALA C 282 12.92 14.59 -12.94
CA ALA C 282 12.19 14.03 -11.82
C ALA C 282 11.76 15.11 -10.85
N LEU C 283 12.60 16.12 -10.63
CA LEU C 283 12.21 17.23 -9.77
C LEU C 283 10.99 17.93 -10.32
N MET C 284 11.04 18.35 -11.59
CA MET C 284 9.89 19.09 -12.11
C MET C 284 8.69 18.21 -12.39
N MET C 285 8.87 16.89 -12.41
CA MET C 285 7.76 15.97 -12.61
C MET C 285 7.07 15.61 -11.30
N ALA C 286 7.84 15.42 -10.23
CA ALA C 286 7.27 15.19 -8.92
C ALA C 286 6.68 16.45 -8.32
N VAL C 287 7.15 17.62 -8.73
CA VAL C 287 6.44 18.85 -8.37
C VAL C 287 5.08 18.89 -9.06
N ALA C 288 5.02 18.40 -10.30
CA ALA C 288 3.79 18.50 -11.08
C ALA C 288 2.73 17.52 -10.61
N LEU C 289 3.13 16.28 -10.30
CA LEU C 289 2.18 15.19 -10.06
C LEU C 289 2.04 14.85 -8.59
N CYS C 290 2.09 15.84 -7.69
CA CYS C 290 2.03 15.56 -6.26
C CYS C 290 0.80 16.13 -5.58
N GLU C 291 -0.08 16.82 -6.31
CA GLU C 291 -1.28 17.40 -5.71
C GLU C 291 -2.22 16.28 -5.31
N VAL C 292 -2.29 16.00 -4.01
CA VAL C 292 -3.11 14.93 -3.47
C VAL C 292 -3.91 15.46 -2.29
N SER C 293 -5.14 14.98 -2.15
CA SER C 293 -5.97 15.41 -1.03
C SER C 293 -5.60 14.62 0.22
N PRO C 294 -5.87 15.18 1.41
CA PRO C 294 -5.53 14.44 2.65
C PRO C 294 -6.19 13.07 2.74
N ARG C 295 -7.41 12.92 2.24
CA ARG C 295 -8.10 11.63 2.37
C ARG C 295 -7.43 10.56 1.52
N GLN C 296 -7.00 10.92 0.30
CA GLN C 296 -6.40 9.93 -0.59
C GLN C 296 -5.11 9.37 0.00
N GLY C 297 -4.29 10.23 0.59
CA GLY C 297 -3.10 9.80 1.29
C GLY C 297 -1.82 10.27 0.62
N ARG C 298 -0.71 9.97 1.30
CA ARG C 298 0.60 10.37 0.82
C ARG C 298 1.06 9.48 -0.34
N TYR C 299 0.64 8.22 -0.36
CA TYR C 299 1.08 7.26 -1.35
C TYR C 299 0.06 7.04 -2.46
N TYR C 300 -0.99 7.86 -2.53
CA TYR C 300 -2.06 7.63 -3.49
C TYR C 300 -1.58 7.77 -4.92
N ARG C 301 -0.82 8.83 -5.20
CA ARG C 301 -0.41 9.15 -6.56
C ARG C 301 0.97 8.60 -6.90
N LEU C 302 1.55 7.77 -6.04
CA LEU C 302 2.87 7.21 -6.31
C LEU C 302 2.87 6.32 -7.55
N ILE C 303 1.96 5.35 -7.60
CA ILE C 303 2.01 4.34 -8.65
C ILE C 303 1.83 4.93 -10.05
N PRO C 304 0.82 5.78 -10.32
CA PRO C 304 0.76 6.40 -11.65
C PRO C 304 1.97 7.26 -11.99
N ALA C 305 2.49 8.01 -11.01
CA ALA C 305 3.65 8.86 -11.28
C ALA C 305 4.92 8.04 -11.42
N ILE C 306 5.04 6.95 -10.65
CA ILE C 306 6.16 6.04 -10.85
C ILE C 306 6.08 5.41 -12.24
N PHE C 307 4.86 5.10 -12.70
CA PHE C 307 4.70 4.58 -14.05
C PHE C 307 5.09 5.61 -15.10
N ILE C 308 4.75 6.88 -14.87
CA ILE C 308 5.14 7.93 -15.82
C ILE C 308 6.66 8.08 -15.88
N PHE C 309 7.32 8.09 -14.71
CA PHE C 309 8.77 8.19 -14.69
C PHE C 309 9.42 6.98 -15.34
N ALA C 310 8.90 5.78 -15.06
CA ALA C 310 9.41 4.58 -15.71
C ALA C 310 9.18 4.63 -17.21
N SER C 311 8.08 5.22 -17.66
CA SER C 311 7.85 5.40 -19.09
C SER C 311 8.92 6.31 -19.69
N LEU C 312 9.27 7.38 -18.98
CA LEU C 312 10.35 8.25 -19.44
C LEU C 312 11.66 7.48 -19.57
N ILE C 313 11.97 6.66 -18.56
CA ILE C 313 13.23 5.93 -18.56
C ILE C 313 13.24 4.85 -19.65
N VAL C 314 12.10 4.20 -19.87
CA VAL C 314 11.99 3.21 -20.94
C VAL C 314 12.13 3.88 -22.30
N LEU C 315 11.56 5.07 -22.46
CA LEU C 315 11.74 5.81 -23.70
C LEU C 315 13.21 6.16 -23.90
N LEU C 316 13.90 6.54 -22.83
CA LEU C 316 15.33 6.84 -22.94
C LEU C 316 16.12 5.60 -23.35
N ILE C 317 15.78 4.44 -22.78
CA ILE C 317 16.48 3.21 -23.13
C ILE C 317 16.21 2.83 -24.59
N ALA C 318 14.96 2.98 -25.03
CA ALA C 318 14.62 2.69 -26.42
C ALA C 318 15.37 3.61 -27.36
N ILE C 319 15.47 4.90 -27.00
CA ILE C 319 16.22 5.85 -27.80
C ILE C 319 17.70 5.48 -27.83
N ARG C 320 18.23 5.03 -26.70
CA ARG C 320 19.62 4.58 -26.66
C ARG C 320 19.85 3.43 -27.62
N THR C 321 18.96 2.45 -27.60
CA THR C 321 19.08 1.33 -28.53
C THR C 321 18.96 1.80 -29.98
N ARG C 322 18.02 2.71 -30.26
CA ARG C 322 17.82 3.20 -31.62
C ARG C 322 19.05 3.93 -32.13
N ILE C 323 19.69 4.75 -31.29
CA ILE C 323 20.90 5.43 -31.70
C ILE C 323 22.03 4.42 -31.89
N SER C 324 22.11 3.42 -31.02
CA SER C 324 23.11 2.37 -31.20
C SER C 324 22.91 1.62 -32.50
N ARG C 325 21.68 1.58 -33.01
CA ARG C 325 21.40 1.00 -34.31
C ARG C 325 21.54 2.00 -35.44
N ASP C 326 22.03 3.21 -35.16
CA ASP C 326 22.21 4.26 -36.16
C ASP C 326 20.89 4.60 -36.85
N GLU C 327 19.89 4.95 -36.05
CA GLU C 327 18.56 5.27 -36.57
C GLU C 327 17.95 6.55 -36.00
N LEU C 328 18.49 7.09 -34.92
CA LEU C 328 17.82 8.23 -34.30
C LEU C 328 18.71 9.44 -34.10
N GLY C 329 19.98 9.24 -33.74
CA GLY C 329 20.88 10.34 -33.51
C GLY C 329 20.83 10.85 -32.07
N VAL C 330 21.92 11.52 -31.68
CA VAL C 330 22.08 11.98 -30.30
C VAL C 330 21.04 13.04 -29.95
N TRP C 331 20.49 13.73 -30.94
CA TRP C 331 19.55 14.81 -30.68
C TRP C 331 18.30 14.34 -29.95
N ALA C 332 18.01 13.04 -29.96
CA ALA C 332 16.79 12.55 -29.35
C ALA C 332 16.85 12.59 -27.83
N TYR C 333 18.05 12.50 -27.24
CA TYR C 333 18.16 12.58 -25.79
C TYR C 333 17.65 13.91 -25.24
N PRO C 334 18.15 15.07 -25.68
CA PRO C 334 17.56 16.32 -25.20
C PRO C 334 16.11 16.48 -25.60
N ALA C 335 15.71 15.97 -26.76
CA ALA C 335 14.30 16.02 -27.15
C ALA C 335 13.44 15.19 -26.21
N ALA C 336 13.90 13.99 -25.85
CA ALA C 336 13.14 13.14 -24.93
C ALA C 336 13.05 13.78 -23.56
N LEU C 337 14.14 14.37 -23.07
CA LEU C 337 14.09 15.05 -21.78
C LEU C 337 13.18 16.27 -21.83
N ALA C 338 13.25 17.04 -22.92
CA ALA C 338 12.49 18.27 -23.02
C ALA C 338 11.00 18.01 -23.18
N VAL C 339 10.61 16.93 -23.85
CA VAL C 339 9.20 16.61 -23.98
C VAL C 339 8.59 16.37 -22.61
N TYR C 340 9.25 15.54 -21.79
CA TYR C 340 8.73 15.23 -20.47
C TYR C 340 8.82 16.45 -19.55
N GLY C 341 9.87 17.26 -19.69
CA GLY C 341 9.96 18.48 -18.90
C GLY C 341 8.87 19.47 -19.22
N ILE C 342 8.57 19.66 -20.51
CA ILE C 342 7.50 20.55 -20.92
C ILE C 342 6.15 20.03 -20.44
N ALA C 343 5.94 18.71 -20.55
CA ALA C 343 4.69 18.13 -20.04
C ALA C 343 4.55 18.36 -18.54
N ALA C 344 5.63 18.16 -17.78
CA ALA C 344 5.58 18.37 -16.34
C ALA C 344 5.33 19.84 -16.01
N ALA C 345 5.98 20.76 -16.73
CA ALA C 345 5.78 22.18 -16.47
C ALA C 345 4.34 22.60 -16.77
N LEU C 346 3.79 22.13 -17.90
CA LEU C 346 2.41 22.46 -18.24
C LEU C 346 1.44 21.87 -17.23
N PHE C 347 1.69 20.65 -16.76
CA PHE C 347 0.83 20.06 -15.73
C PHE C 347 0.91 20.84 -14.43
N SER C 348 2.12 21.27 -14.04
CA SER C 348 2.28 22.01 -12.79
C SER C 348 1.77 23.44 -12.91
N ARG C 349 1.59 23.95 -14.12
CA ARG C 349 1.11 25.32 -14.30
C ARG C 349 -0.22 25.32 -15.04
N LYS C 350 -1.14 24.45 -14.65
CA LYS C 350 -2.46 24.40 -15.25
C LYS C 350 -3.51 24.99 -14.31
N ARG D 4 -25.80 -16.53 8.28
CA ARG D 4 -25.55 -15.25 7.62
C ARG D 4 -25.17 -15.47 6.16
N ARG D 5 -25.90 -14.83 5.26
CA ARG D 5 -25.63 -15.00 3.84
C ARG D 5 -25.42 -13.69 3.11
N ILE D 6 -26.17 -12.64 3.46
CA ILE D 6 -26.03 -11.37 2.73
C ILE D 6 -24.70 -10.70 3.06
N VAL D 7 -24.29 -10.73 4.33
CA VAL D 7 -22.97 -10.21 4.68
C VAL D 7 -21.89 -11.03 4.00
N ALA D 8 -22.02 -12.36 4.05
CA ALA D 8 -21.04 -13.23 3.42
C ALA D 8 -20.99 -13.01 1.92
N LYS D 9 -22.16 -12.92 1.28
CA LYS D 9 -22.18 -12.69 -0.16
C LYS D 9 -21.57 -11.34 -0.51
N HIS D 10 -21.86 -10.31 0.28
CA HIS D 10 -21.31 -8.98 0.01
C HIS D 10 -19.79 -8.98 0.13
N VAL D 11 -19.27 -9.54 1.22
CA VAL D 11 -17.82 -9.57 1.42
C VAL D 11 -17.15 -10.41 0.33
N THR D 12 -17.72 -11.59 0.03
CA THR D 12 -17.12 -12.45 -0.99
C THR D 12 -17.14 -11.79 -2.36
N LYS D 13 -18.26 -11.14 -2.72
CA LYS D 13 -18.35 -10.49 -4.02
C LYS D 13 -17.38 -9.32 -4.11
N THR D 14 -17.30 -8.48 -3.08
CA THR D 14 -16.39 -7.34 -3.14
C THR D 14 -14.95 -7.80 -3.22
N THR D 15 -14.57 -8.79 -2.41
CA THR D 15 -13.19 -9.27 -2.45
C THR D 15 -12.88 -9.97 -3.76
N ALA D 16 -13.82 -10.75 -4.30
CA ALA D 16 -13.60 -11.43 -5.56
C ALA D 16 -13.46 -10.44 -6.70
N LEU D 17 -14.28 -9.39 -6.71
CA LEU D 17 -14.13 -8.35 -7.72
C LEU D 17 -12.78 -7.67 -7.59
N ALA D 18 -12.33 -7.41 -6.35
CA ALA D 18 -11.01 -6.80 -6.15
C ALA D 18 -9.90 -7.71 -6.68
N MET D 19 -9.97 -9.01 -6.36
CA MET D 19 -8.95 -9.94 -6.83
C MET D 19 -8.97 -10.05 -8.35
N LEU D 20 -10.15 -10.11 -8.96
CA LEU D 20 -10.22 -10.23 -10.42
C LEU D 20 -9.72 -8.97 -11.11
N GLY D 21 -10.07 -7.79 -10.58
CA GLY D 21 -9.56 -6.56 -11.15
C GLY D 21 -8.06 -6.44 -11.02
N THR D 22 -7.52 -6.79 -9.85
CA THR D 22 -6.08 -6.78 -9.67
C THR D 22 -5.42 -7.79 -10.59
N THR D 23 -6.04 -8.96 -10.76
CA THR D 23 -5.52 -9.97 -11.67
C THR D 23 -5.43 -9.45 -13.09
N ILE D 24 -6.52 -8.85 -13.58
CA ILE D 24 -6.53 -8.32 -14.94
C ILE D 24 -5.49 -7.23 -15.09
N VAL D 25 -5.41 -6.31 -14.11
CA VAL D 25 -4.46 -5.21 -14.21
C VAL D 25 -3.03 -5.73 -14.21
N LEU D 26 -2.72 -6.68 -13.32
CA LEU D 26 -1.36 -7.20 -13.24
C LEU D 26 -0.99 -8.02 -14.46
N VAL D 27 -1.93 -8.78 -15.02
CA VAL D 27 -1.65 -9.52 -16.25
C VAL D 27 -1.38 -8.56 -17.40
N ILE D 28 -2.19 -7.49 -17.51
CA ILE D 28 -1.95 -6.51 -18.56
C ILE D 28 -0.59 -5.84 -18.38
N LEU D 29 -0.26 -5.47 -17.15
CA LEU D 29 1.02 -4.80 -16.88
C LEU D 29 2.19 -5.73 -17.17
N GLN D 30 2.10 -7.00 -16.78
CA GLN D 30 3.21 -7.90 -17.04
C GLN D 30 3.31 -8.35 -18.49
N VAL D 31 2.21 -8.31 -19.24
CA VAL D 31 2.29 -8.50 -20.68
C VAL D 31 2.97 -7.32 -21.34
N LEU D 32 2.59 -6.10 -20.94
CA LEU D 32 3.20 -4.91 -21.51
C LEU D 32 4.69 -4.83 -21.17
N PHE D 33 5.05 -5.11 -19.93
CA PHE D 33 6.45 -5.05 -19.52
C PHE D 33 7.27 -6.13 -20.21
N THR D 34 6.72 -7.34 -20.31
CA THR D 34 7.43 -8.40 -21.02
C THR D 34 7.62 -8.05 -22.48
N TYR D 35 6.60 -7.47 -23.12
CA TYR D 35 6.75 -7.05 -24.51
C TYR D 35 7.79 -5.95 -24.65
N LEU D 36 7.82 -5.01 -23.69
CA LEU D 36 8.84 -3.97 -23.74
C LEU D 36 10.24 -4.55 -23.59
N GLY D 37 10.41 -5.53 -22.71
CA GLY D 37 11.70 -6.17 -22.53
C GLY D 37 12.11 -7.02 -23.71
N GLU D 38 11.11 -7.57 -24.42
CA GLU D 38 11.37 -8.39 -25.59
C GLU D 38 11.58 -7.57 -26.86
N LEU D 39 11.13 -6.31 -26.86
CA LEU D 39 11.29 -5.46 -28.04
C LEU D 39 12.75 -5.16 -28.34
N SER D 40 13.65 -5.37 -27.40
CA SER D 40 15.08 -5.18 -27.62
C SER D 40 15.77 -6.44 -28.14
N ASN D 41 15.03 -7.51 -28.36
CA ASN D 41 15.57 -8.78 -28.83
C ASN D 41 14.98 -9.16 -30.19
N LEU D 42 14.76 -8.17 -31.04
CA LEU D 42 14.18 -8.41 -32.36
C LEU D 42 15.28 -8.64 -33.38
N LYS D 43 15.02 -9.56 -34.32
CA LYS D 43 15.97 -9.88 -35.38
C LYS D 43 15.17 -10.08 -36.66
N ALA D 44 15.83 -10.64 -37.68
CA ALA D 44 15.18 -10.81 -38.97
C ALA D 44 14.00 -11.77 -38.88
N ASP D 45 14.16 -12.88 -38.16
CA ASP D 45 13.12 -13.89 -38.03
C ASP D 45 12.24 -13.67 -36.80
N TYR D 46 12.49 -12.63 -36.02
CA TYR D 46 11.74 -12.34 -34.80
C TYR D 46 11.32 -10.88 -34.86
N SER D 47 10.18 -10.62 -35.50
CA SER D 47 9.70 -9.25 -35.66
C SER D 47 8.90 -8.84 -34.43
N ALA D 48 8.34 -7.62 -34.49
CA ALA D 48 7.52 -7.13 -33.38
C ALA D 48 6.26 -7.97 -33.20
N TRP D 49 5.64 -8.40 -34.30
CA TRP D 49 4.46 -9.25 -34.19
C TRP D 49 4.82 -10.61 -33.59
N GLN D 50 5.98 -11.16 -33.97
CA GLN D 50 6.40 -12.43 -33.38
C GLN D 50 6.63 -12.29 -31.88
N ALA D 51 7.25 -11.18 -31.46
CA ALA D 51 7.46 -10.95 -30.02
C ALA D 51 6.13 -10.78 -29.30
N PHE D 52 5.18 -10.07 -29.92
CA PHE D 52 3.87 -9.90 -29.30
C PHE D 52 3.15 -11.24 -29.16
N LEU D 53 3.24 -12.10 -30.19
CA LEU D 53 2.63 -13.42 -30.10
C LEU D 53 3.31 -14.26 -29.02
N TYR D 54 4.63 -14.17 -28.91
CA TYR D 54 5.33 -14.92 -27.86
C TYR D 54 4.91 -14.44 -26.48
N VAL D 55 4.74 -13.13 -26.30
CA VAL D 55 4.31 -12.61 -25.01
C VAL D 55 2.89 -13.04 -24.70
N LEU D 56 1.99 -12.97 -25.68
CA LEU D 56 0.61 -13.39 -25.46
C LEU D 56 0.51 -14.87 -25.14
N TRP D 57 1.29 -15.70 -25.82
CA TRP D 57 1.25 -17.13 -25.53
C TRP D 57 1.83 -17.44 -24.16
N GLY D 58 2.74 -16.60 -23.67
CA GLY D 58 3.23 -16.74 -22.32
C GLY D 58 2.36 -16.09 -21.26
N ALA D 59 1.27 -15.43 -21.68
CA ALA D 59 0.39 -14.78 -20.72
C ALA D 59 -0.21 -15.73 -19.69
N PRO D 60 -0.69 -16.93 -20.04
CA PRO D 60 -1.17 -17.83 -18.98
C PRO D 60 -0.12 -18.16 -17.93
N ARG D 61 1.13 -18.34 -18.32
CA ARG D 61 2.19 -18.59 -17.34
C ARG D 61 2.39 -17.37 -16.43
N TYR D 62 2.36 -16.17 -17.01
CA TYR D 62 2.45 -14.96 -16.21
C TYR D 62 1.28 -14.85 -15.24
N LEU D 63 0.09 -15.21 -15.70
CA LEU D 63 -1.08 -15.20 -14.83
C LEU D 63 -0.92 -16.18 -13.68
N TYR D 64 -0.42 -17.39 -13.98
CA TYR D 64 -0.17 -18.37 -12.93
C TYR D 64 0.83 -17.86 -11.92
N GLU D 65 1.85 -17.14 -12.38
CA GLU D 65 2.83 -16.57 -11.46
C GLU D 65 2.24 -15.41 -10.65
N ILE D 66 1.28 -14.67 -11.22
CA ILE D 66 0.72 -13.51 -10.54
C ILE D 66 -0.31 -13.91 -9.49
N LEU D 67 -1.07 -14.97 -9.72
CA LEU D 67 -2.23 -15.27 -8.87
C LEU D 67 -1.98 -15.20 -7.37
N PRO D 68 -0.86 -15.65 -6.82
CA PRO D 68 -0.62 -15.38 -5.39
C PRO D 68 -0.56 -13.90 -5.05
N ILE D 69 0.27 -13.14 -5.78
CA ILE D 69 0.37 -11.70 -5.54
C ILE D 69 -0.94 -11.01 -5.89
N SER D 70 -1.61 -11.48 -6.95
CA SER D 70 -2.90 -10.90 -7.31
C SER D 70 -3.92 -11.09 -6.19
N ALA D 71 -3.96 -12.29 -5.60
CA ALA D 71 -4.87 -12.53 -4.49
C ALA D 71 -4.52 -11.68 -3.28
N LEU D 72 -3.22 -11.55 -3.00
CA LEU D 72 -2.80 -10.71 -1.88
C LEU D 72 -3.28 -9.26 -2.06
N ILE D 73 -2.99 -8.67 -3.23
CA ILE D 73 -3.36 -7.28 -3.46
C ILE D 73 -4.87 -7.13 -3.53
N GLY D 74 -5.57 -8.13 -4.08
CA GLY D 74 -7.02 -8.06 -4.13
C GLY D 74 -7.65 -8.09 -2.76
N ALA D 75 -7.15 -8.96 -1.88
CA ALA D 75 -7.64 -8.98 -0.50
C ALA D 75 -7.35 -7.66 0.20
N ILE D 76 -6.14 -7.12 0.02
CA ILE D 76 -5.80 -5.83 0.60
C ILE D 76 -6.79 -4.76 0.12
N LEU D 77 -7.00 -4.68 -1.19
CA LEU D 77 -7.86 -3.62 -1.73
C LEU D 77 -9.31 -3.79 -1.30
N GLY D 78 -9.85 -5.00 -1.38
CA GLY D 78 -11.24 -5.21 -1.00
C GLY D 78 -11.49 -4.94 0.47
N LEU D 79 -10.64 -5.49 1.33
CA LEU D 79 -10.83 -5.27 2.76
C LEU D 79 -10.51 -3.83 3.14
N GLY D 80 -9.63 -3.15 2.41
CA GLY D 80 -9.44 -1.73 2.64
C GLY D 80 -10.65 -0.92 2.25
N THR D 81 -11.31 -1.30 1.16
CA THR D 81 -12.56 -0.63 0.79
C THR D 81 -13.63 -0.84 1.86
N LEU D 82 -13.74 -2.05 2.40
CA LEU D 82 -14.69 -2.28 3.48
C LEU D 82 -14.31 -1.54 4.76
N ALA D 83 -13.02 -1.52 5.11
CA ALA D 83 -12.62 -0.94 6.38
C ALA D 83 -12.67 0.58 6.35
N SER D 84 -12.20 1.20 5.26
CA SER D 84 -12.26 2.65 5.14
C SER D 84 -13.69 3.15 5.10
N ASN D 85 -14.63 2.32 4.68
CA ASN D 85 -16.05 2.63 4.76
C ASN D 85 -16.68 2.17 6.07
N SER D 86 -15.86 1.67 7.00
CA SER D 86 -16.30 1.25 8.32
C SER D 86 -17.31 0.11 8.25
N GLU D 87 -17.24 -0.69 7.20
CA GLU D 87 -18.12 -1.86 7.10
C GLU D 87 -17.63 -3.00 7.98
N LEU D 88 -16.32 -3.17 8.10
CA LEU D 88 -15.79 -4.20 8.99
C LEU D 88 -16.04 -3.86 10.45
N ILE D 89 -16.05 -2.57 10.78
CA ILE D 89 -16.32 -2.15 12.17
C ILE D 89 -17.73 -2.57 12.57
N VAL D 90 -18.72 -2.30 11.72
CA VAL D 90 -20.08 -2.70 12.05
C VAL D 90 -20.25 -4.21 11.94
N MET D 91 -19.51 -4.85 11.03
CA MET D 91 -19.56 -6.31 10.98
C MET D 91 -19.10 -6.92 12.30
N ARG D 92 -18.04 -6.37 12.89
CA ARG D 92 -17.64 -6.81 14.23
C ARG D 92 -18.68 -6.41 15.27
N SER D 93 -19.24 -5.21 15.16
CA SER D 93 -20.15 -4.69 16.19
C SER D 93 -21.51 -5.37 16.16
N VAL D 94 -21.81 -6.18 15.15
CA VAL D 94 -23.05 -6.94 15.13
C VAL D 94 -22.85 -8.40 15.54
N GLY D 95 -21.61 -8.85 15.68
CA GLY D 95 -21.32 -10.19 16.11
C GLY D 95 -20.64 -11.10 15.11
N ILE D 96 -19.95 -10.56 14.11
CA ILE D 96 -19.22 -11.35 13.13
C ILE D 96 -17.74 -11.27 13.47
N SER D 97 -17.13 -12.43 13.67
CA SER D 97 -15.74 -12.47 14.12
C SER D 97 -14.80 -12.09 12.98
N LEU D 98 -13.55 -11.80 13.36
CA LEU D 98 -12.52 -11.55 12.36
C LEU D 98 -12.27 -12.80 11.52
N TRP D 99 -12.27 -13.97 12.15
CA TRP D 99 -12.00 -15.21 11.43
C TRP D 99 -13.11 -15.53 10.44
N ARG D 100 -14.35 -15.12 10.73
CA ARG D 100 -15.42 -15.34 9.76
C ARG D 100 -15.21 -14.49 8.50
N ILE D 101 -14.82 -13.23 8.68
CA ILE D 101 -14.52 -12.38 7.52
C ILE D 101 -13.32 -12.94 6.76
N VAL D 102 -12.32 -13.43 7.48
CA VAL D 102 -11.17 -14.06 6.83
C VAL D 102 -11.61 -15.28 6.04
N GLY D 103 -12.53 -16.07 6.59
CA GLY D 103 -13.05 -17.22 5.86
C GLY D 103 -13.81 -16.82 4.62
N TRP D 104 -14.57 -15.74 4.69
CA TRP D 104 -15.25 -15.24 3.49
C TRP D 104 -14.24 -14.82 2.42
N VAL D 105 -13.17 -14.13 2.83
CA VAL D 105 -12.15 -13.72 1.87
C VAL D 105 -11.43 -14.93 1.29
N ILE D 106 -11.21 -15.95 2.12
CA ILE D 106 -10.59 -17.19 1.64
C ILE D 106 -11.50 -17.89 0.64
N ARG D 107 -12.81 -17.88 0.91
CA ARG D 107 -13.77 -18.41 -0.05
C ARG D 107 -13.70 -17.65 -1.37
N SER D 108 -13.53 -16.33 -1.29
CA SER D 108 -13.34 -15.54 -2.50
C SER D 108 -12.08 -15.94 -3.25
N ALA D 109 -10.98 -16.16 -2.52
CA ALA D 109 -9.71 -16.53 -3.14
C ALA D 109 -9.67 -17.97 -3.62
N LEU D 110 -10.62 -18.80 -3.19
CA LEU D 110 -10.69 -20.16 -3.72
C LEU D 110 -10.95 -20.17 -5.21
N VAL D 111 -11.61 -19.13 -5.72
CA VAL D 111 -11.79 -19.01 -7.17
C VAL D 111 -10.43 -18.86 -7.85
N LEU D 112 -9.56 -18.01 -7.29
CA LEU D 112 -8.22 -17.87 -7.84
C LEU D 112 -7.40 -19.14 -7.68
N VAL D 113 -7.62 -19.88 -6.59
CA VAL D 113 -6.93 -21.16 -6.41
C VAL D 113 -7.34 -22.14 -7.49
N LEU D 114 -8.63 -22.22 -7.77
CA LEU D 114 -9.12 -23.10 -8.84
C LEU D 114 -8.60 -22.65 -10.20
N LEU D 115 -8.53 -21.33 -10.43
CA LEU D 115 -7.97 -20.83 -11.67
C LEU D 115 -6.50 -21.22 -11.80
N SER D 116 -5.76 -21.15 -10.69
CA SER D 116 -4.36 -21.57 -10.69
C SER D 116 -4.24 -23.06 -11.02
N PHE D 117 -5.11 -23.88 -10.44
CA PHE D 117 -5.11 -25.31 -10.75
C PHE D 117 -5.37 -25.55 -12.23
N ALA D 118 -6.37 -24.86 -12.78
CA ALA D 118 -6.72 -25.04 -14.19
C ALA D 118 -5.57 -24.61 -15.10
N LEU D 119 -4.95 -23.46 -14.79
CA LEU D 119 -3.84 -22.98 -15.60
C LEU D 119 -2.66 -23.94 -15.54
N SER D 120 -2.33 -24.43 -14.33
CA SER D 120 -1.19 -25.33 -14.18
C SER D 120 -1.43 -26.64 -14.90
N GLU D 121 -2.66 -27.16 -14.86
CA GLU D 121 -2.91 -28.48 -15.42
C GLU D 121 -3.17 -28.48 -16.91
N TRP D 122 -3.94 -27.52 -17.43
CA TRP D 122 -4.45 -27.60 -18.79
C TRP D 122 -4.07 -26.43 -19.70
N VAL D 123 -3.65 -25.30 -19.15
CA VAL D 123 -3.40 -24.11 -19.96
C VAL D 123 -1.91 -23.83 -20.09
N VAL D 124 -1.19 -23.75 -18.97
CA VAL D 124 0.23 -23.41 -19.01
C VAL D 124 1.05 -24.41 -19.82
N PRO D 125 0.90 -25.73 -19.65
CA PRO D 125 1.74 -26.65 -20.44
C PRO D 125 1.57 -26.51 -21.94
N TYR D 126 0.38 -26.14 -22.42
CA TYR D 126 0.18 -25.99 -23.86
C TYR D 126 0.62 -24.62 -24.35
N THR D 127 0.29 -23.56 -23.60
CA THR D 127 0.65 -22.22 -24.03
C THR D 127 2.16 -21.99 -23.96
N ASN D 128 2.84 -22.62 -23.00
CA ASN D 128 4.30 -22.53 -22.97
C ASN D 128 4.92 -23.16 -24.21
N GLU D 129 4.40 -24.32 -24.62
CA GLU D 129 4.87 -24.95 -25.85
C GLU D 129 4.59 -24.06 -27.06
N ARG D 130 3.41 -23.45 -27.11
CA ARG D 130 3.10 -22.55 -28.21
C ARG D 130 4.05 -21.36 -28.24
N ALA D 131 4.34 -20.77 -27.08
CA ALA D 131 5.25 -19.64 -27.03
C ALA D 131 6.65 -20.02 -27.46
N ASN D 132 7.12 -21.20 -27.02
CA ASN D 132 8.43 -21.67 -27.45
C ASN D 132 8.47 -21.90 -28.96
N SER D 133 7.40 -22.47 -29.51
CA SER D 133 7.35 -22.68 -30.96
C SER D 133 7.37 -21.34 -31.71
N VAL D 134 6.63 -20.35 -31.21
CA VAL D 134 6.64 -19.04 -31.86
C VAL D 134 8.01 -18.41 -31.80
N LYS D 135 8.67 -18.48 -30.64
CA LYS D 135 10.01 -17.89 -30.51
C LYS D 135 11.02 -18.59 -31.42
N SER D 136 10.96 -19.93 -31.48
CA SER D 136 11.89 -20.69 -32.30
C SER D 136 11.44 -20.82 -33.74
N GLU D 145 12.44 -36.18 -28.69
CA GLU D 145 12.58 -34.77 -29.00
C GLU D 145 13.83 -34.20 -28.35
N VAL D 146 14.54 -35.04 -27.59
CA VAL D 146 15.75 -34.66 -26.89
C VAL D 146 16.94 -35.36 -27.54
N ARG D 147 18.05 -34.65 -27.67
CA ARG D 147 19.27 -35.18 -28.25
C ARG D 147 20.35 -35.29 -27.18
N GLY D 148 21.14 -36.37 -27.26
CA GLY D 148 22.18 -36.60 -26.28
C GLY D 148 21.67 -36.84 -24.89
N TYR D 149 20.62 -37.64 -24.74
CA TYR D 149 20.02 -37.90 -23.44
C TYR D 149 20.87 -38.88 -22.65
N TRP D 150 21.39 -38.42 -21.52
CA TRP D 150 22.17 -39.25 -20.61
C TRP D 150 21.31 -39.62 -19.41
N SER D 151 21.19 -40.91 -19.15
CA SER D 151 20.35 -41.39 -18.06
C SER D 151 21.04 -42.56 -17.36
N ARG D 152 20.72 -42.74 -16.08
CA ARG D 152 21.22 -43.84 -15.28
C ARG D 152 20.03 -44.63 -14.75
N GLU D 153 20.09 -45.95 -14.85
CA GLU D 153 19.05 -46.84 -14.34
C GLU D 153 19.73 -47.84 -13.39
N GLY D 154 19.68 -47.54 -12.09
CA GLY D 154 20.34 -48.37 -11.11
C GLY D 154 21.85 -48.35 -11.26
N GLN D 155 22.42 -49.48 -11.66
CA GLN D 155 23.85 -49.58 -11.92
C GLN D 155 24.19 -49.49 -13.41
N ARG D 156 23.20 -49.15 -14.24
CA ARG D 156 23.39 -49.06 -15.68
C ARG D 156 23.31 -47.60 -16.12
N PHE D 157 24.21 -47.21 -17.01
CA PHE D 157 24.25 -45.87 -17.58
C PHE D 157 23.86 -45.96 -19.05
N ILE D 158 22.81 -45.23 -19.43
CA ILE D 158 22.23 -45.30 -20.76
C ILE D 158 22.40 -43.94 -21.43
N TYR D 159 22.99 -43.94 -22.63
CA TYR D 159 23.13 -42.72 -23.42
C TYR D 159 22.53 -42.95 -24.80
N VAL D 160 21.64 -42.05 -25.21
CA VAL D 160 21.04 -42.08 -26.53
C VAL D 160 21.23 -40.71 -27.16
N ASP D 161 21.69 -40.70 -28.42
CA ASP D 161 21.99 -39.44 -29.08
C ASP D 161 20.74 -38.75 -29.62
N TYR D 162 19.63 -39.49 -29.76
CA TYR D 162 18.41 -38.92 -30.29
C TYR D 162 17.24 -39.81 -29.93
N ALA D 163 16.21 -39.23 -29.32
CA ALA D 163 15.00 -39.95 -28.94
C ALA D 163 13.78 -39.13 -29.32
N ASN D 164 12.68 -39.81 -29.62
CA ASN D 164 11.43 -39.17 -29.98
C ASN D 164 10.29 -39.72 -29.11
N SER D 165 9.21 -38.94 -29.04
CA SER D 165 8.01 -39.38 -28.33
C SER D 165 7.37 -40.59 -28.99
N GLN D 166 7.61 -40.81 -30.29
CA GLN D 166 7.04 -41.94 -31.01
C GLN D 166 7.68 -43.27 -30.63
N GLY D 167 8.84 -43.24 -29.97
CA GLY D 167 9.45 -44.48 -29.50
C GLY D 167 10.55 -45.03 -30.37
N GLN D 168 11.48 -44.17 -30.80
CA GLN D 168 12.64 -44.61 -31.57
C GLN D 168 13.92 -44.02 -30.97
N LEU D 169 15.01 -44.78 -31.04
CA LEU D 169 16.28 -44.40 -30.49
C LEU D 169 17.35 -44.41 -31.57
N LYS D 170 18.31 -43.49 -31.47
CA LYS D 170 19.43 -43.42 -32.39
C LYS D 170 20.72 -43.32 -31.60
N ARG D 171 21.70 -44.16 -31.95
CA ARG D 171 23.01 -44.18 -31.32
C ARG D 171 22.89 -44.43 -29.81
N ILE D 172 22.33 -45.60 -29.48
CA ILE D 172 22.21 -46.01 -28.09
C ILE D 172 23.57 -46.44 -27.56
N GLN D 173 23.79 -46.22 -26.27
CA GLN D 173 25.03 -46.65 -25.61
C GLN D 173 24.70 -46.94 -24.16
N VAL D 174 24.61 -48.23 -23.81
CA VAL D 174 24.24 -48.67 -22.47
C VAL D 174 25.44 -49.38 -21.87
N VAL D 175 25.81 -48.98 -20.65
CA VAL D 175 26.95 -49.54 -19.93
C VAL D 175 26.44 -50.11 -18.61
N ASP D 176 26.79 -51.38 -18.35
CA ASP D 176 26.35 -52.07 -17.15
C ASP D 176 27.45 -52.07 -16.10
N PHE D 177 27.04 -52.27 -14.85
CA PHE D 177 27.96 -52.27 -13.72
C PHE D 177 27.38 -53.13 -12.60
N ASP D 178 28.22 -53.43 -11.63
CA ASP D 178 27.82 -54.16 -10.43
C ASP D 178 28.10 -53.31 -9.20
N ASP D 179 27.94 -53.91 -8.02
CA ASP D 179 28.22 -53.20 -6.78
C ASP D 179 29.70 -52.82 -6.67
N ASN D 180 30.57 -53.55 -7.37
CA ASN D 180 31.99 -53.25 -7.41
C ASN D 180 32.34 -52.21 -8.48
N TYR D 181 31.35 -51.73 -9.23
CA TYR D 181 31.54 -50.74 -10.29
C TYR D 181 32.54 -51.25 -11.34
N ARG D 182 32.31 -52.50 -11.76
CA ARG D 182 33.16 -53.16 -12.75
C ARG D 182 32.38 -53.33 -14.04
N LEU D 183 33.08 -53.15 -15.17
CA LEU D 183 32.45 -53.27 -16.47
C LEU D 183 31.91 -54.68 -16.69
N LYS D 184 30.68 -54.75 -17.18
CA LYS D 184 30.05 -56.03 -17.53
C LYS D 184 29.71 -56.12 -19.01
N SER D 185 29.00 -55.13 -19.55
CA SER D 185 28.61 -55.16 -20.95
C SER D 185 28.36 -53.74 -21.43
N VAL D 186 28.96 -53.39 -22.57
CA VAL D 186 28.79 -52.07 -23.17
C VAL D 186 28.16 -52.31 -24.54
N THR D 187 26.84 -52.23 -24.61
CA THR D 187 26.11 -52.46 -25.85
C THR D 187 25.87 -51.14 -26.57
N ASN D 188 25.89 -51.20 -27.90
CA ASN D 188 25.68 -50.04 -28.74
C ASN D 188 24.69 -50.40 -29.84
N ALA D 189 24.10 -49.37 -30.45
CA ALA D 189 23.12 -49.57 -31.51
C ALA D 189 23.09 -48.33 -32.40
N GLU D 190 22.48 -48.50 -33.57
CA GLU D 190 22.28 -47.41 -34.52
C GLU D 190 20.84 -46.94 -34.60
N GLN D 191 19.88 -47.86 -34.52
CA GLN D 191 18.47 -47.53 -34.52
C GLN D 191 17.76 -48.37 -33.46
N GLY D 192 16.63 -47.86 -32.98
CA GLY D 192 15.86 -48.57 -31.96
C GLY D 192 14.39 -48.28 -32.09
N GLN D 193 13.59 -49.15 -31.46
CA GLN D 193 12.14 -49.01 -31.46
C GLN D 193 11.60 -49.45 -30.11
N PHE D 194 10.40 -48.97 -29.79
CA PHE D 194 9.73 -49.25 -28.53
C PHE D 194 8.50 -50.10 -28.80
N VAL D 195 8.39 -51.23 -28.09
CA VAL D 195 7.24 -52.12 -28.21
C VAL D 195 6.52 -52.30 -26.87
N LYS D 196 7.27 -52.49 -25.79
CA LYS D 196 6.69 -52.67 -24.47
C LYS D 196 7.64 -52.11 -23.43
N ASP D 197 7.10 -51.85 -22.24
CA ASP D 197 7.92 -51.35 -21.14
C ASP D 197 8.93 -52.40 -20.73
N GLY D 198 10.18 -51.98 -20.56
CA GLY D 198 11.24 -52.89 -20.15
C GLY D 198 11.92 -53.66 -21.27
N GLN D 199 11.59 -53.38 -22.53
CA GLN D 199 12.25 -54.03 -23.65
C GLN D 199 12.13 -53.15 -24.88
N TRP D 200 13.24 -53.00 -25.60
CA TRP D 200 13.29 -52.18 -26.80
C TRP D 200 13.99 -52.95 -27.91
N LEU D 201 13.32 -53.11 -29.05
CA LEU D 201 13.92 -53.76 -30.20
C LEU D 201 14.86 -52.79 -30.91
N LEU D 202 16.01 -53.31 -31.34
CA LEU D 202 17.03 -52.46 -31.96
C LEU D 202 17.88 -53.30 -32.90
N ASN D 203 18.59 -52.61 -33.78
CA ASN D 203 19.47 -53.23 -34.76
C ASN D 203 20.92 -52.93 -34.41
N HIS D 204 21.82 -53.73 -34.99
CA HIS D 204 23.26 -53.58 -34.79
C HIS D 204 23.62 -53.66 -33.31
N SER D 205 23.13 -54.71 -32.65
CA SER D 205 23.33 -54.90 -31.21
C SER D 205 24.76 -55.34 -30.97
N GLN D 206 25.66 -54.36 -30.84
CA GLN D 206 27.08 -54.63 -30.60
C GLN D 206 27.30 -54.66 -29.08
N GLN D 207 27.14 -55.85 -28.50
CA GLN D 207 27.24 -56.03 -27.06
C GLN D 207 28.64 -56.54 -26.70
N MET D 208 29.33 -55.81 -25.84
CA MET D 208 30.64 -56.21 -25.35
C MET D 208 30.50 -57.21 -24.22
N ALA D 209 31.42 -58.17 -24.17
CA ALA D 209 31.43 -59.19 -23.13
C ALA D 209 32.69 -59.06 -22.30
N ILE D 210 32.54 -59.03 -20.98
CA ILE D 210 33.68 -58.89 -20.08
C ILE D 210 33.63 -59.98 -19.01
N LEU D 228 15.64 -52.36 -21.05
CA LEU D 228 15.95 -50.98 -20.69
C LEU D 228 14.65 -50.28 -20.35
N ALA D 229 14.71 -49.38 -19.37
CA ALA D 229 13.52 -48.81 -18.77
C ALA D 229 13.11 -47.47 -19.38
N LEU D 230 13.75 -47.04 -20.46
CA LEU D 230 13.40 -45.76 -21.07
C LEU D 230 11.97 -45.80 -21.60
N GLN D 231 11.25 -44.70 -21.39
CA GLN D 231 9.86 -44.58 -21.76
C GLN D 231 9.68 -43.38 -22.70
N PRO D 232 9.01 -43.56 -23.85
CA PRO D 232 8.87 -42.43 -24.78
C PRO D 232 7.79 -41.44 -24.40
N LYS D 233 7.00 -41.70 -23.38
CA LYS D 233 6.01 -40.65 -23.00
C LYS D 233 6.80 -39.55 -22.30
N TYR D 234 7.76 -39.95 -21.47
CA TYR D 234 8.48 -38.97 -20.67
C TYR D 234 9.67 -38.35 -21.38
N VAL D 235 9.88 -38.67 -22.65
CA VAL D 235 11.02 -38.10 -23.38
C VAL D 235 10.86 -36.59 -23.55
N HIS D 236 9.64 -36.14 -23.91
CA HIS D 236 9.43 -34.72 -24.16
C HIS D 236 9.51 -33.88 -22.89
N MET D 237 9.42 -34.49 -21.72
CA MET D 237 9.53 -33.76 -20.47
C MET D 237 10.98 -33.55 -20.03
N VAL D 238 11.94 -34.23 -20.67
CA VAL D 238 13.33 -34.10 -20.27
C VAL D 238 13.83 -32.68 -20.56
N THR D 239 13.51 -32.15 -21.73
CA THR D 239 13.94 -30.79 -22.07
C THR D 239 13.21 -29.74 -21.25
N ILE D 240 11.95 -30.01 -20.89
CA ILE D 240 11.16 -29.06 -20.11
C ILE D 240 11.72 -28.95 -18.71
N ASP D 241 11.89 -27.73 -18.23
CA ASP D 241 12.39 -27.50 -16.88
C ASP D 241 11.35 -27.99 -15.86
N PRO D 242 11.80 -28.43 -14.69
CA PRO D 242 10.85 -28.95 -13.69
C PRO D 242 9.78 -27.95 -13.28
N GLU D 243 10.12 -26.66 -13.23
CA GLU D 243 9.14 -25.65 -12.85
C GLU D 243 8.03 -25.55 -13.88
N ASP D 244 8.37 -25.61 -15.17
CA ASP D 244 7.38 -25.46 -16.23
C ASP D 244 6.48 -26.68 -16.36
N LEU D 245 6.87 -27.83 -15.80
CA LEU D 245 6.07 -29.03 -15.90
C LEU D 245 4.77 -28.87 -15.12
N SER D 246 3.68 -29.39 -15.68
CA SER D 246 2.42 -29.42 -14.96
C SER D 246 2.51 -30.42 -13.81
N PHE D 247 1.55 -30.32 -12.88
CA PHE D 247 1.59 -31.19 -11.71
C PHE D 247 1.42 -32.65 -12.10
N SER D 248 0.54 -32.94 -13.06
CA SER D 248 0.37 -34.31 -13.52
C SER D 248 1.66 -34.82 -14.17
N GLN D 249 2.22 -34.02 -15.09
CA GLN D 249 3.47 -34.41 -15.74
C GLN D 249 4.59 -34.55 -14.73
N LEU D 250 4.70 -33.60 -13.80
CA LEU D 250 5.76 -33.66 -12.79
C LEU D 250 5.63 -34.90 -11.92
N VAL D 251 4.42 -35.21 -11.47
CA VAL D 251 4.21 -36.37 -10.62
C VAL D 251 4.54 -37.65 -11.38
N SER D 252 4.06 -37.78 -12.62
CA SER D 252 4.34 -38.98 -13.40
C SER D 252 5.84 -39.13 -13.66
N PHE D 253 6.52 -38.03 -13.95
CA PHE D 253 7.93 -38.09 -14.31
C PHE D 253 8.79 -38.41 -13.09
N MET D 254 8.46 -37.81 -11.94
CA MET D 254 9.14 -38.16 -10.69
C MET D 254 8.87 -39.60 -10.30
N ASN D 255 7.65 -40.09 -10.53
CA ASN D 255 7.36 -41.50 -10.28
C ASN D 255 8.20 -42.39 -11.18
N TYR D 256 8.38 -41.99 -12.43
CA TYR D 256 9.20 -42.77 -13.36
C TYR D 256 10.64 -42.86 -12.86
N MET D 257 11.21 -41.73 -12.42
CA MET D 257 12.54 -41.80 -11.81
C MET D 257 12.54 -42.69 -10.59
N ARG D 258 11.65 -42.44 -9.62
CA ARG D 258 11.67 -43.18 -8.36
C ARG D 258 11.53 -44.67 -8.59
N GLU D 259 10.85 -45.06 -9.66
CA GLU D 259 10.80 -46.48 -10.03
C GLU D 259 12.08 -46.93 -10.70
N TYR D 260 12.76 -46.06 -11.44
CA TYR D 260 13.90 -46.51 -12.24
C TYR D 260 15.22 -45.79 -11.95
N SER D 261 15.23 -44.71 -11.18
CA SER D 261 16.47 -43.96 -10.95
C SER D 261 16.32 -43.15 -9.67
N GLN D 262 17.20 -42.18 -9.47
CA GLN D 262 17.12 -41.24 -8.36
C GLN D 262 16.62 -39.90 -8.88
N VAL D 263 15.56 -39.38 -8.25
CA VAL D 263 14.99 -38.10 -8.69
C VAL D 263 15.90 -36.97 -8.28
N PRO D 264 16.19 -35.99 -9.14
CA PRO D 264 17.03 -34.86 -8.76
C PRO D 264 16.31 -33.97 -7.74
N LYS D 265 17.11 -33.22 -6.99
CA LYS D 265 16.55 -32.32 -5.99
C LYS D 265 15.73 -31.21 -6.62
N THR D 266 16.05 -30.81 -7.86
CA THR D 266 15.28 -29.76 -8.51
C THR D 266 13.86 -30.21 -8.80
N TYR D 267 13.67 -31.47 -9.18
CA TYR D 267 12.32 -31.98 -9.41
C TYR D 267 11.53 -32.05 -8.11
N GLN D 268 12.17 -32.43 -7.01
CA GLN D 268 11.52 -32.42 -5.71
C GLN D 268 11.12 -31.00 -5.32
N LEU D 269 12.01 -30.03 -5.57
CA LEU D 269 11.69 -28.64 -5.28
C LEU D 269 10.51 -28.16 -6.10
N ALA D 270 10.48 -28.51 -7.40
CA ALA D 270 9.36 -28.11 -8.24
C ALA D 270 8.06 -28.74 -7.75
N PHE D 271 8.10 -30.01 -7.36
CA PHE D 271 6.91 -30.67 -6.84
C PHE D 271 6.41 -30.00 -5.57
N TRP D 272 7.33 -29.70 -4.64
CA TRP D 272 6.91 -29.08 -3.39
C TRP D 272 6.46 -27.65 -3.59
N LYS D 273 6.97 -26.98 -4.62
CA LYS D 273 6.53 -25.62 -4.93
C LYS D 273 5.16 -25.62 -5.59
N LYS D 274 4.87 -26.65 -6.39
CA LYS D 274 3.55 -26.72 -7.03
C LYS D 274 2.47 -27.18 -6.06
N VAL D 275 2.81 -28.11 -5.16
CA VAL D 275 1.80 -28.60 -4.21
C VAL D 275 1.51 -27.56 -3.14
N ALA D 276 2.44 -26.65 -2.88
CA ALA D 276 2.27 -25.61 -1.88
C ALA D 276 1.86 -24.27 -2.48
N SER D 277 1.46 -24.26 -3.76
CA SER D 277 1.03 -23.00 -4.36
C SER D 277 -0.36 -22.57 -3.88
N PRO D 278 -1.40 -23.42 -3.90
CA PRO D 278 -2.68 -23.00 -3.33
C PRO D 278 -2.58 -22.66 -1.85
N PHE D 279 -1.78 -23.42 -1.09
CA PHE D 279 -1.59 -23.11 0.32
C PHE D 279 -0.89 -21.77 0.49
N ALA D 280 0.08 -21.48 -0.36
CA ALA D 280 0.74 -20.17 -0.31
C ALA D 280 -0.24 -19.06 -0.61
N LEU D 281 -1.11 -19.26 -1.61
CA LEU D 281 -2.10 -18.24 -1.93
C LEU D 281 -3.06 -18.01 -0.77
N ILE D 282 -3.55 -19.09 -0.17
CA ILE D 282 -4.48 -18.95 0.95
C ILE D 282 -3.79 -18.27 2.14
N THR D 283 -2.56 -18.66 2.44
CA THR D 283 -1.83 -18.05 3.54
C THR D 283 -1.56 -16.58 3.28
N LEU D 284 -1.24 -16.22 2.04
CA LEU D 284 -0.99 -14.82 1.70
C LEU D 284 -2.26 -13.99 1.80
N VAL D 285 -3.40 -14.58 1.40
CA VAL D 285 -4.68 -13.90 1.58
C VAL D 285 -4.98 -13.70 3.06
N LEU D 286 -4.71 -14.72 3.88
CA LEU D 286 -4.90 -14.58 5.32
C LEU D 286 -4.00 -13.50 5.91
N VAL D 287 -2.76 -13.41 5.43
CA VAL D 287 -1.85 -12.36 5.87
C VAL D 287 -2.39 -10.99 5.48
N ALA D 288 -2.93 -10.88 4.27
CA ALA D 288 -3.55 -9.63 3.85
C ALA D 288 -4.71 -9.24 4.76
N CYS D 289 -5.56 -10.21 5.09
CA CYS D 289 -6.69 -9.92 5.98
C CYS D 289 -6.21 -9.50 7.37
N SER D 290 -5.20 -10.18 7.90
CA SER D 290 -4.67 -9.82 9.21
C SER D 290 -4.04 -8.44 9.20
N PHE D 291 -3.35 -8.09 8.12
CA PHE D 291 -2.79 -6.76 7.99
C PHE D 291 -3.88 -5.70 7.94
N ILE D 292 -4.96 -5.98 7.21
CA ILE D 292 -6.07 -5.03 7.14
C ILE D 292 -6.67 -4.83 8.53
N PHE D 293 -6.89 -5.94 9.26
CA PHE D 293 -7.43 -5.83 10.60
C PHE D 293 -6.41 -5.33 11.62
N GLY D 294 -5.13 -5.33 11.28
CA GLY D 294 -4.10 -4.96 12.20
C GLY D 294 -3.32 -3.72 11.80
N PRO D 295 -2.07 -3.91 11.35
CA PRO D 295 -1.21 -2.75 11.08
C PRO D 295 -1.75 -1.80 10.02
N LEU D 296 -2.44 -2.31 9.00
CA LEU D 296 -2.93 -1.48 7.91
C LEU D 296 -4.32 -0.91 8.19
N ARG D 297 -4.86 -1.14 9.38
CA ARG D 297 -6.14 -0.55 9.76
C ARG D 297 -5.98 0.97 9.87
N GLN D 298 -6.99 1.70 9.40
CA GLN D 298 -7.04 3.15 9.40
C GLN D 298 -5.95 3.78 8.55
N GLN D 299 -5.39 3.05 7.59
CA GLN D 299 -4.38 3.59 6.69
C GLN D 299 -5.01 3.96 5.35
N SER D 300 -4.27 4.73 4.57
CA SER D 300 -4.75 5.16 3.26
C SER D 300 -4.80 3.98 2.30
N MET D 301 -5.65 4.12 1.27
CA MET D 301 -5.72 3.10 0.24
C MET D 301 -4.41 2.99 -0.53
N GLY D 302 -3.78 4.13 -0.82
CA GLY D 302 -2.49 4.10 -1.48
C GLY D 302 -1.42 3.43 -0.63
N PHE D 303 -1.42 3.73 0.67
CA PHE D 303 -0.46 3.08 1.56
C PHE D 303 -0.72 1.58 1.65
N ARG D 304 -1.99 1.20 1.68
CA ARG D 304 -2.33 -0.23 1.69
C ARG D 304 -1.84 -0.92 0.42
N LEU D 305 -2.01 -0.26 -0.73
CA LEU D 305 -1.55 -0.85 -1.99
C LEU D 305 -0.03 -0.94 -2.02
N VAL D 306 0.66 0.08 -1.51
CA VAL D 306 2.12 0.06 -1.48
C VAL D 306 2.61 -1.07 -0.58
N ILE D 307 1.99 -1.22 0.59
CA ILE D 307 2.39 -2.29 1.51
C ILE D 307 2.07 -3.66 0.91
N ALA D 308 0.95 -3.75 0.17
CA ALA D 308 0.64 -5.00 -0.50
C ALA D 308 1.67 -5.35 -1.56
N LEU D 309 2.11 -4.35 -2.33
CA LEU D 309 3.17 -4.58 -3.31
C LEU D 309 4.46 -5.00 -2.64
N PHE D 310 4.81 -4.36 -1.52
CA PHE D 310 6.01 -4.72 -0.80
C PHE D 310 5.94 -6.15 -0.26
N ILE D 311 4.77 -6.53 0.28
CA ILE D 311 4.61 -7.89 0.80
C ILE D 311 4.68 -8.90 -0.35
N GLY D 312 4.10 -8.56 -1.50
CA GLY D 312 4.18 -9.45 -2.65
C GLY D 312 5.60 -9.65 -3.13
N LEU D 313 6.36 -8.54 -3.26
CA LEU D 313 7.76 -8.65 -3.64
C LEU D 313 8.55 -9.45 -2.61
N GLY D 314 8.32 -9.19 -1.32
CA GLY D 314 9.03 -9.92 -0.30
C GLY D 314 8.73 -11.41 -0.33
N PHE D 315 7.45 -11.76 -0.51
CA PHE D 315 7.07 -13.17 -0.56
C PHE D 315 7.65 -13.85 -1.78
N TYR D 316 7.59 -13.19 -2.95
CA TYR D 316 8.15 -13.79 -4.16
C TYR D 316 9.66 -13.96 -4.03
N TYR D 317 10.36 -12.95 -3.52
CA TYR D 317 11.79 -13.04 -3.33
C TYR D 317 12.15 -14.13 -2.32
N LEU D 318 11.40 -14.21 -1.23
CA LEU D 318 11.68 -15.22 -0.21
C LEU D 318 11.46 -16.63 -0.75
N GLN D 319 10.36 -16.84 -1.48
CA GLN D 319 10.11 -18.18 -2.02
C GLN D 319 11.14 -18.54 -3.08
N ASP D 320 11.54 -17.59 -3.93
CA ASP D 320 12.58 -17.87 -4.92
C ASP D 320 13.91 -18.19 -4.25
N PHE D 321 14.29 -17.38 -3.26
CA PHE D 321 15.57 -17.59 -2.59
C PHE D 321 15.59 -18.90 -1.83
N LEU D 322 14.49 -19.26 -1.18
CA LEU D 322 14.47 -20.51 -0.44
C LEU D 322 14.39 -21.72 -1.37
N GLY D 323 13.71 -21.57 -2.51
CA GLY D 323 13.77 -22.63 -3.52
C GLY D 323 15.18 -22.85 -4.03
N TYR D 324 15.90 -21.75 -4.29
CA TYR D 324 17.29 -21.87 -4.72
C TYR D 324 18.16 -22.47 -3.63
N ALA D 325 17.92 -22.09 -2.37
CA ALA D 325 18.73 -22.61 -1.27
C ALA D 325 18.44 -24.08 -1.01
N SER D 326 17.22 -24.54 -1.29
CA SER D 326 16.91 -25.96 -1.11
C SER D 326 17.74 -26.83 -2.03
N LEU D 327 18.12 -26.30 -3.20
CA LEU D 327 18.96 -27.05 -4.14
C LEU D 327 20.43 -27.05 -3.75
N VAL D 328 20.84 -26.19 -2.82
CA VAL D 328 22.24 -26.11 -2.42
C VAL D 328 22.46 -26.62 -1.00
N TYR D 329 21.42 -26.75 -0.19
CA TYR D 329 21.56 -27.17 1.20
C TYR D 329 21.00 -28.56 1.40
N ASN D 330 21.47 -29.21 2.47
CA ASN D 330 21.09 -30.58 2.75
C ASN D 330 19.60 -30.80 2.98
N PRO D 331 18.87 -29.98 3.75
CA PRO D 331 17.47 -30.30 4.05
C PRO D 331 16.61 -30.37 2.80
N SER D 332 15.55 -31.19 2.89
CA SER D 332 14.66 -31.41 1.77
C SER D 332 13.97 -30.10 1.37
N PRO D 333 13.63 -29.96 0.08
CA PRO D 333 12.96 -28.72 -0.37
C PRO D 333 11.61 -28.49 0.29
N ALA D 334 11.00 -29.52 0.87
CA ALA D 334 9.73 -29.34 1.55
C ALA D 334 9.86 -28.33 2.69
N TRP D 335 10.95 -28.41 3.45
CA TRP D 335 11.18 -27.46 4.53
C TRP D 335 11.28 -26.04 3.99
N PHE D 336 12.11 -25.85 2.96
CA PHE D 336 12.35 -24.51 2.43
C PHE D 336 11.10 -23.94 1.76
N VAL D 337 10.22 -24.78 1.26
CA VAL D 337 9.01 -24.30 0.59
C VAL D 337 7.89 -24.03 1.59
N LEU D 338 7.70 -24.89 2.58
CA LEU D 338 6.64 -24.73 3.55
C LEU D 338 7.04 -23.92 4.77
N GLY D 339 8.29 -23.47 4.85
CA GLY D 339 8.70 -22.57 5.91
C GLY D 339 8.03 -21.22 5.83
N PRO D 340 8.20 -20.51 4.72
CA PRO D 340 7.52 -19.21 4.57
C PRO D 340 6.01 -19.32 4.72
N ILE D 341 5.40 -20.37 4.17
CA ILE D 341 3.95 -20.49 4.22
C ILE D 341 3.46 -20.68 5.65
N VAL D 342 4.09 -21.61 6.38
CA VAL D 342 3.67 -21.88 7.75
C VAL D 342 3.95 -20.67 8.64
N LEU D 343 5.11 -20.04 8.48
CA LEU D 343 5.43 -18.88 9.30
C LEU D 343 4.49 -17.71 9.01
N MET D 344 4.16 -17.50 7.73
CA MET D 344 3.22 -16.43 7.39
C MET D 344 1.83 -16.73 7.92
N PHE D 345 1.40 -18.00 7.86
CA PHE D 345 0.11 -18.35 8.43
C PHE D 345 0.09 -18.11 9.94
N VAL D 346 1.17 -18.46 10.63
CA VAL D 346 1.24 -18.22 12.07
C VAL D 346 1.21 -16.73 12.37
N ALA D 347 1.96 -15.94 11.60
CA ALA D 347 1.97 -14.50 11.81
C ALA D 347 0.60 -13.89 11.55
N GLY D 348 -0.07 -14.32 10.49
CA GLY D 348 -1.42 -13.82 10.22
C GLY D 348 -2.41 -14.22 11.28
N SER D 349 -2.33 -15.45 11.77
CA SER D 349 -3.21 -15.89 12.84
C SER D 349 -2.97 -15.10 14.12
N TYR D 350 -1.71 -14.81 14.43
CA TYR D 350 -1.42 -14.01 15.61
C TYR D 350 -1.91 -12.58 15.45
N LEU D 351 -1.74 -12.00 14.26
CA LEU D 351 -2.23 -10.65 14.01
C LEU D 351 -3.75 -10.59 14.09
N LEU D 352 -4.43 -11.65 13.65
CA LEU D 352 -5.87 -11.74 13.80
C LEU D 352 -6.27 -11.90 15.25
N TYR D 353 -5.47 -12.63 16.04
CA TYR D 353 -5.75 -12.76 17.47
C TYR D 353 -5.64 -11.42 18.18
N ARG D 354 -4.65 -10.61 17.79
CA ARG D 354 -4.52 -9.26 18.36
C ARG D 354 -5.66 -8.35 17.96
N ALA D 355 -6.46 -8.72 16.96
CA ALA D 355 -7.63 -7.95 16.51
C ALA D 355 -7.25 -6.54 16.09
#